data_8X87
#
_entry.id   8X87
#
_cell.length_a   76.931
_cell.length_b   89.411
_cell.length_c   84.680
_cell.angle_alpha   90.000
_cell.angle_beta   90.000
_cell.angle_gamma   90.000
#
_symmetry.space_group_name_H-M   'P 1 21 1'
#
loop_
_entity.id
_entity.type
_entity.pdbx_description
1 polymer 'Hsp70-binding protein 1'
2 water water
#
_entity_poly.entity_id   1
_entity_poly.type   'polypeptide(L)'
_entity_poly.pdbx_seq_one_letter_code
;RGQRGEVEQMKSCLRVLSQPMPPTAGEAEQAADQQEREGALELLADLCENMDNAADFCQLSGMHLLVGRYLEAGAAGLRW
RAAQLIGTCSQNVAAIQEQVLGLGALRKLLRLLDRDACDTVRVKALFAISCLVREQEAGLLQFLRLDGFSVLMRAMQQQV
QKLKVKSAFLLQNLLVGHPEHKGTLCSMGMVQQLVALVRTEHSPFHEHVLGALCSLVTDFPQGVRECREPELGLEELLRH
RCQLLQQHEEYQEELEFCEKLLQTCFSSPADDSMDR
;
_entity_poly.pdbx_strand_id   A,B,C,D
#
# COMPACT_ATOMS: atom_id res chain seq x y z
N ARG A 4 1.44 -23.18 -12.50
CA ARG A 4 0.32 -22.25 -12.11
C ARG A 4 -0.93 -22.59 -12.93
N GLY A 5 -0.88 -22.30 -14.25
CA GLY A 5 -2.03 -22.45 -15.14
C GLY A 5 -2.90 -21.19 -15.23
N GLU A 6 -2.35 -20.04 -14.82
CA GLU A 6 -3.12 -18.81 -14.64
C GLU A 6 -3.10 -17.94 -15.90
N VAL A 7 -1.97 -17.92 -16.62
CA VAL A 7 -1.86 -17.18 -17.87
C VAL A 7 -2.78 -17.81 -18.91
N GLU A 8 -2.91 -19.13 -18.90
CA GLU A 8 -3.74 -19.84 -19.85
C GLU A 8 -5.21 -19.61 -19.53
N GLN A 9 -5.58 -19.72 -18.25
CA GLN A 9 -6.95 -19.41 -17.86
C GLN A 9 -7.28 -18.01 -18.36
N MET A 10 -6.40 -17.04 -18.09
CA MET A 10 -6.70 -15.66 -18.39
C MET A 10 -6.93 -15.50 -19.89
N LYS A 11 -6.07 -16.14 -20.69
CA LYS A 11 -6.14 -16.04 -22.13
C LYS A 11 -7.37 -16.75 -22.69
N SER A 12 -7.74 -17.88 -22.09
CA SER A 12 -8.92 -18.63 -22.47
C SER A 12 -10.19 -17.85 -22.16
N CYS A 13 -10.21 -17.18 -21.00
CA CYS A 13 -11.35 -16.36 -20.62
C CYS A 13 -11.49 -15.17 -21.57
N LEU A 14 -10.39 -14.46 -21.87
CA LEU A 14 -10.44 -13.36 -22.82
C LEU A 14 -10.93 -13.85 -24.19
N ARG A 15 -10.60 -15.10 -24.58
CA ARG A 15 -11.08 -15.62 -25.86
C ARG A 15 -12.59 -15.80 -25.84
N VAL A 16 -13.15 -16.33 -24.75
CA VAL A 16 -14.60 -16.44 -24.60
C VAL A 16 -15.25 -15.07 -24.72
N LEU A 17 -14.71 -14.08 -24.01
CA LEU A 17 -15.30 -12.75 -23.90
C LEU A 17 -15.13 -11.98 -25.21
N SER A 18 -14.10 -12.32 -25.98
CA SER A 18 -13.79 -11.63 -27.23
C SER A 18 -14.71 -12.11 -28.35
N GLN A 19 -15.32 -13.29 -28.21
CA GLN A 19 -16.22 -13.80 -29.23
C GLN A 19 -17.37 -12.81 -29.45
N PRO A 20 -17.85 -12.69 -30.71
CA PRO A 20 -19.07 -11.92 -31.00
C PRO A 20 -20.28 -12.57 -30.33
N MET A 21 -21.22 -11.72 -29.89
CA MET A 21 -22.53 -12.19 -29.47
C MET A 21 -23.06 -13.07 -30.60
N PRO A 22 -23.69 -14.24 -30.30
CA PRO A 22 -24.16 -15.14 -31.37
C PRO A 22 -25.29 -14.49 -32.19
N PRO A 23 -25.33 -14.69 -33.53
CA PRO A 23 -26.12 -13.80 -34.40
C PRO A 23 -27.62 -14.06 -34.34
N THR A 24 -28.12 -14.97 -35.17
CA THR A 24 -29.39 -15.64 -34.93
C THR A 24 -29.20 -16.58 -33.74
N ALA A 25 -29.96 -16.37 -32.67
CA ALA A 25 -29.88 -17.23 -31.49
C ALA A 25 -31.26 -17.41 -30.88
N GLY A 26 -31.60 -18.67 -30.57
CA GLY A 26 -32.73 -18.98 -29.70
C GLY A 26 -32.36 -18.81 -28.22
N GLU A 27 -33.36 -18.95 -27.34
CA GLU A 27 -33.24 -18.57 -25.94
C GLU A 27 -32.22 -19.44 -25.22
N ALA A 28 -32.18 -20.73 -25.56
CA ALA A 28 -31.28 -21.65 -24.88
C ALA A 28 -29.85 -21.33 -25.28
N GLU A 29 -29.62 -21.01 -26.57
CA GLU A 29 -28.29 -20.63 -27.05
C GLU A 29 -27.84 -19.34 -26.38
N GLN A 30 -28.74 -18.34 -26.34
CA GLN A 30 -28.45 -17.04 -25.74
C GLN A 30 -28.11 -17.19 -24.26
N ALA A 31 -28.88 -18.01 -23.53
CA ALA A 31 -28.70 -18.20 -22.10
C ALA A 31 -27.38 -18.94 -21.81
N ALA A 32 -27.07 -19.99 -22.60
CA ALA A 32 -25.80 -20.70 -22.47
C ALA A 32 -24.62 -19.75 -22.73
N ASP A 33 -24.71 -18.97 -23.81
CA ASP A 33 -23.69 -18.00 -24.19
C ASP A 33 -23.44 -16.99 -23.05
N GLN A 34 -24.51 -16.48 -22.42
CA GLN A 34 -24.37 -15.52 -21.33
C GLN A 34 -23.68 -16.17 -20.13
N GLN A 35 -24.07 -17.40 -19.77
CA GLN A 35 -23.47 -18.11 -18.64
C GLN A 35 -21.97 -18.32 -18.84
N GLU A 36 -21.55 -18.67 -20.06
CA GLU A 36 -20.15 -18.87 -20.39
C GLU A 36 -19.39 -17.55 -20.21
N ARG A 37 -19.96 -16.41 -20.62
CA ARG A 37 -19.29 -15.12 -20.47
C ARG A 37 -19.27 -14.70 -18.99
N GLU A 38 -20.38 -14.94 -18.27
CA GLU A 38 -20.41 -14.71 -16.83
C GLU A 38 -19.31 -15.52 -16.14
N GLY A 39 -19.20 -16.81 -16.47
CA GLY A 39 -18.17 -17.66 -15.89
C GLY A 39 -16.75 -17.16 -16.18
N ALA A 40 -16.51 -16.70 -17.41
CA ALA A 40 -15.22 -16.13 -17.79
C ALA A 40 -14.86 -14.92 -16.92
N LEU A 41 -15.81 -13.99 -16.76
CA LEU A 41 -15.61 -12.82 -15.89
C LEU A 41 -15.35 -13.22 -14.44
N GLU A 42 -16.07 -14.23 -13.95
CA GLU A 42 -15.82 -14.72 -12.59
C GLU A 42 -14.42 -15.32 -12.45
N LEU A 43 -14.01 -16.18 -13.38
CA LEU A 43 -12.68 -16.76 -13.34
C LEU A 43 -11.62 -15.67 -13.44
N LEU A 44 -11.84 -14.65 -14.26
CA LEU A 44 -10.91 -13.52 -14.34
C LEU A 44 -10.82 -12.77 -13.01
N ALA A 45 -11.97 -12.61 -12.31
CA ALA A 45 -12.02 -11.92 -11.03
C ALA A 45 -11.15 -12.64 -9.99
N ASP A 46 -11.30 -13.98 -9.89
CA ASP A 46 -10.45 -14.82 -9.05
C ASP A 46 -8.98 -14.52 -9.33
N LEU A 47 -8.58 -14.61 -10.61
CA LEU A 47 -7.19 -14.35 -11.00
C LEU A 47 -6.78 -12.94 -10.57
N CYS A 48 -7.68 -11.97 -10.74
CA CYS A 48 -7.31 -10.57 -10.70
C CYS A 48 -7.31 -9.99 -9.29
N GLU A 49 -7.63 -10.81 -8.26
CA GLU A 49 -7.36 -10.44 -6.86
C GLU A 49 -5.86 -10.29 -6.61
N ASN A 50 -5.03 -11.04 -7.34
CA ASN A 50 -3.60 -10.84 -7.37
C ASN A 50 -3.24 -9.64 -8.26
N MET A 51 -2.39 -8.75 -7.76
CA MET A 51 -2.07 -7.49 -8.42
C MET A 51 -1.29 -7.69 -9.73
N ASP A 52 -0.53 -8.80 -9.83
CA ASP A 52 0.28 -9.07 -11.00
C ASP A 52 -0.57 -9.62 -12.15
N ASN A 53 -1.50 -10.52 -11.80
CA ASN A 53 -2.54 -11.00 -12.71
C ASN A 53 -3.29 -9.79 -13.26
N ALA A 54 -3.70 -8.90 -12.35
CA ALA A 54 -4.43 -7.69 -12.70
C ALA A 54 -3.67 -6.90 -13.76
N ALA A 55 -2.37 -6.70 -13.54
CA ALA A 55 -1.51 -5.98 -14.47
C ALA A 55 -1.37 -6.73 -15.80
N ASP A 56 -1.21 -8.06 -15.73
CA ASP A 56 -1.15 -8.89 -16.92
C ASP A 56 -2.45 -8.77 -17.71
N PHE A 57 -3.58 -8.79 -16.99
CA PHE A 57 -4.88 -8.59 -17.61
C PHE A 57 -4.94 -7.30 -18.44
N CYS A 58 -4.43 -6.20 -17.88
CA CYS A 58 -4.42 -4.91 -18.54
C CYS A 58 -3.48 -4.89 -19.74
N GLN A 59 -2.34 -5.57 -19.57
CA GLN A 59 -1.33 -5.71 -20.61
C GLN A 59 -1.96 -6.48 -21.77
N LEU A 60 -2.93 -7.36 -21.49
CA LEU A 60 -3.60 -8.13 -22.55
C LEU A 60 -4.84 -7.40 -23.11
N SER A 61 -4.99 -6.11 -22.78
CA SER A 61 -6.07 -5.27 -23.28
C SER A 61 -7.44 -5.75 -22.77
N GLY A 62 -7.48 -6.38 -21.60
CA GLY A 62 -8.74 -6.77 -21.00
C GLY A 62 -9.64 -5.59 -20.64
N MET A 63 -9.04 -4.50 -20.14
CA MET A 63 -9.80 -3.32 -19.74
C MET A 63 -10.42 -2.66 -20.97
N HIS A 64 -9.75 -2.75 -22.13
CA HIS A 64 -10.30 -2.26 -23.38
C HIS A 64 -11.61 -2.97 -23.70
N LEU A 65 -11.63 -4.30 -23.49
CA LEU A 65 -12.78 -5.14 -23.77
C LEU A 65 -13.92 -4.91 -22.78
N LEU A 66 -13.59 -4.80 -21.49
CA LEU A 66 -14.61 -4.60 -20.46
C LEU A 66 -15.24 -3.21 -20.63
N VAL A 67 -14.42 -2.18 -20.79
CA VAL A 67 -14.96 -0.83 -20.87
C VAL A 67 -15.73 -0.64 -22.19
N GLY A 68 -15.11 -1.09 -23.28
CA GLY A 68 -15.66 -1.01 -24.64
C GLY A 68 -16.94 -1.82 -24.88
N ARG A 69 -17.06 -3.03 -24.31
CA ARG A 69 -18.16 -3.90 -24.68
C ARG A 69 -19.05 -4.29 -23.48
N TYR A 70 -18.48 -4.56 -22.31
CA TYR A 70 -19.23 -5.28 -21.28
C TYR A 70 -19.98 -4.36 -20.31
N LEU A 71 -19.52 -3.13 -20.10
CA LEU A 71 -20.28 -2.19 -19.27
C LEU A 71 -21.62 -1.81 -19.90
N GLU A 72 -21.73 -1.93 -21.22
CA GLU A 72 -22.98 -1.66 -21.92
C GLU A 72 -23.60 -2.93 -22.51
N ALA A 73 -23.21 -4.10 -22.00
CA ALA A 73 -23.82 -5.34 -22.44
C ALA A 73 -25.31 -5.32 -22.09
N GLY A 74 -26.10 -5.96 -22.95
CA GLY A 74 -27.53 -6.13 -22.75
C GLY A 74 -27.89 -6.74 -21.39
N ALA A 75 -27.13 -7.74 -20.94
CA ALA A 75 -27.48 -8.51 -19.74
C ALA A 75 -26.85 -7.86 -18.50
N ALA A 76 -27.68 -7.66 -17.47
CA ALA A 76 -27.23 -7.10 -16.20
C ALA A 76 -26.09 -7.94 -15.63
N GLY A 77 -26.16 -9.28 -15.77
CA GLY A 77 -25.19 -10.16 -15.14
C GLY A 77 -23.77 -9.94 -15.67
N LEU A 78 -23.66 -9.55 -16.94
CA LEU A 78 -22.39 -9.20 -17.55
C LEU A 78 -21.95 -7.81 -17.09
N ARG A 79 -22.88 -6.85 -17.07
CA ARG A 79 -22.52 -5.48 -16.70
C ARG A 79 -21.94 -5.45 -15.28
N TRP A 80 -22.57 -6.15 -14.33
CA TRP A 80 -22.16 -6.02 -12.94
C TRP A 80 -20.87 -6.78 -12.71
N ARG A 81 -20.72 -7.93 -13.37
CA ARG A 81 -19.47 -8.67 -13.29
C ARG A 81 -18.34 -7.88 -13.96
N ALA A 82 -18.62 -7.17 -15.05
CA ALA A 82 -17.62 -6.33 -15.69
C ALA A 82 -17.19 -5.19 -14.77
N ALA A 83 -18.16 -4.46 -14.20
CA ALA A 83 -17.89 -3.38 -13.26
C ALA A 83 -17.05 -3.88 -12.07
N GLN A 84 -17.44 -5.04 -11.51
CA GLN A 84 -16.77 -5.65 -10.38
C GLN A 84 -15.29 -5.92 -10.69
N LEU A 85 -15.04 -6.49 -11.87
CA LEU A 85 -13.69 -6.88 -12.29
C LEU A 85 -12.82 -5.64 -12.47
N ILE A 86 -13.38 -4.57 -13.03
CA ILE A 86 -12.68 -3.29 -13.13
C ILE A 86 -12.25 -2.82 -11.73
N GLY A 87 -13.18 -2.84 -10.77
CA GLY A 87 -12.86 -2.47 -9.41
C GLY A 87 -11.78 -3.34 -8.77
N THR A 88 -11.90 -4.67 -8.93
CA THR A 88 -10.93 -5.61 -8.39
C THR A 88 -9.54 -5.28 -8.89
N CYS A 89 -9.39 -5.12 -10.20
CA CYS A 89 -8.08 -4.88 -10.79
C CYS A 89 -7.52 -3.54 -10.35
N SER A 90 -8.37 -2.51 -10.31
CA SER A 90 -7.87 -1.15 -10.17
C SER A 90 -7.70 -0.78 -8.70
N GLN A 91 -8.36 -1.51 -7.79
CA GLN A 91 -8.47 -1.09 -6.40
C GLN A 91 -7.10 -0.77 -5.83
N ASN A 92 -6.13 -1.66 -6.04
CA ASN A 92 -4.87 -1.54 -5.31
C ASN A 92 -3.74 -0.98 -6.18
N VAL A 93 -3.97 -0.74 -7.49
CA VAL A 93 -2.87 -0.40 -8.39
C VAL A 93 -3.13 0.94 -9.08
N ALA A 94 -2.30 1.94 -8.75
CA ALA A 94 -2.41 3.29 -9.27
C ALA A 94 -2.29 3.30 -10.80
N ALA A 95 -1.35 2.52 -11.35
CA ALA A 95 -1.17 2.44 -12.79
C ALA A 95 -2.43 1.97 -13.52
N ILE A 96 -3.18 1.03 -12.92
CA ILE A 96 -4.35 0.45 -13.55
C ILE A 96 -5.52 1.43 -13.47
N GLN A 97 -5.61 2.15 -12.33
CA GLN A 97 -6.56 3.23 -12.15
C GLN A 97 -6.42 4.26 -13.28
N GLU A 98 -5.18 4.66 -13.56
CA GLU A 98 -4.94 5.66 -14.59
C GLU A 98 -5.32 5.11 -15.96
N GLN A 99 -4.96 3.85 -16.24
CA GLN A 99 -5.25 3.23 -17.52
C GLN A 99 -6.77 3.20 -17.74
N VAL A 100 -7.51 2.76 -16.70
CA VAL A 100 -8.95 2.59 -16.77
C VAL A 100 -9.65 3.93 -16.96
N LEU A 101 -9.18 4.97 -16.23
CA LEU A 101 -9.68 6.33 -16.41
C LEU A 101 -9.49 6.79 -17.86
N GLY A 102 -8.29 6.55 -18.44
CA GLY A 102 -7.99 6.99 -19.79
C GLY A 102 -8.82 6.30 -20.88
N LEU A 103 -9.53 5.21 -20.50
CA LEU A 103 -10.35 4.41 -21.41
C LEU A 103 -11.81 4.85 -21.34
N GLY A 104 -12.10 5.93 -20.59
CA GLY A 104 -13.45 6.46 -20.54
C GLY A 104 -14.42 5.63 -19.69
N ALA A 105 -13.88 4.88 -18.72
CA ALA A 105 -14.65 4.03 -17.81
C ALA A 105 -15.61 4.83 -16.92
N LEU A 106 -15.17 6.00 -16.41
CA LEU A 106 -15.95 6.74 -15.41
C LEU A 106 -17.32 7.18 -15.93
N ARG A 107 -17.40 7.73 -17.15
CA ARG A 107 -18.65 8.15 -17.74
C ARG A 107 -19.63 6.98 -17.85
N LYS A 108 -19.12 5.80 -18.25
CA LYS A 108 -19.95 4.61 -18.38
C LYS A 108 -20.39 4.10 -17.01
N LEU A 109 -19.47 4.11 -16.03
CA LEU A 109 -19.79 3.63 -14.68
C LEU A 109 -20.82 4.53 -14.00
N LEU A 110 -20.66 5.84 -14.15
CA LEU A 110 -21.62 6.79 -13.58
C LEU A 110 -23.00 6.57 -14.19
N ARG A 111 -23.05 6.34 -15.50
CA ARG A 111 -24.31 6.07 -16.17
C ARG A 111 -24.95 4.82 -15.56
N LEU A 112 -24.17 3.75 -15.32
CA LEU A 112 -24.73 2.53 -14.72
C LEU A 112 -25.25 2.83 -13.31
N LEU A 113 -24.41 3.48 -12.50
CA LEU A 113 -24.77 3.82 -11.14
C LEU A 113 -26.07 4.64 -11.10
N ASP A 114 -26.25 5.54 -12.06
CA ASP A 114 -27.35 6.49 -12.00
C ASP A 114 -28.64 5.90 -12.59
N ARG A 115 -28.53 4.99 -13.56
CA ARG A 115 -29.68 4.71 -14.41
C ARG A 115 -30.06 3.23 -14.45
N ASP A 116 -29.21 2.33 -13.99
CA ASP A 116 -29.37 0.93 -14.35
C ASP A 116 -30.55 0.33 -13.59
N ALA A 117 -31.32 -0.51 -14.29
CA ALA A 117 -32.50 -1.17 -13.74
C ALA A 117 -32.13 -2.15 -12.62
N CYS A 118 -30.92 -2.73 -12.70
CA CYS A 118 -30.48 -3.76 -11.78
C CYS A 118 -29.67 -3.10 -10.66
N ASP A 119 -30.02 -3.41 -9.41
CA ASP A 119 -29.37 -2.83 -8.24
C ASP A 119 -27.92 -3.31 -8.06
N THR A 120 -27.64 -4.58 -8.41
CA THR A 120 -26.32 -5.19 -8.29
C THR A 120 -25.36 -4.46 -9.24
N VAL A 121 -25.82 -4.13 -10.46
CA VAL A 121 -25.03 -3.33 -11.38
C VAL A 121 -24.66 -2.00 -10.74
N ARG A 122 -25.65 -1.33 -10.15
CA ARG A 122 -25.39 -0.03 -9.52
C ARG A 122 -24.32 -0.16 -8.44
N VAL A 123 -24.45 -1.18 -7.60
CA VAL A 123 -23.57 -1.36 -6.46
C VAL A 123 -22.14 -1.62 -6.93
N LYS A 124 -21.98 -2.49 -7.94
CA LYS A 124 -20.66 -2.81 -8.48
C LYS A 124 -20.07 -1.62 -9.25
N ALA A 125 -20.93 -0.88 -9.96
CA ALA A 125 -20.49 0.35 -10.59
C ALA A 125 -19.91 1.29 -9.54
N LEU A 126 -20.61 1.40 -8.39
CA LEU A 126 -20.19 2.32 -7.34
C LEU A 126 -18.86 1.83 -6.78
N PHE A 127 -18.75 0.50 -6.63
CA PHE A 127 -17.49 -0.08 -6.21
C PHE A 127 -16.38 0.34 -7.17
N ALA A 128 -16.60 0.11 -8.47
CA ALA A 128 -15.59 0.43 -9.48
C ALA A 128 -15.23 1.91 -9.39
N ILE A 129 -16.24 2.80 -9.30
CA ILE A 129 -16.02 4.24 -9.24
C ILE A 129 -15.15 4.60 -8.03
N SER A 130 -15.52 4.05 -6.87
CA SER A 130 -14.79 4.26 -5.64
C SER A 130 -13.31 3.92 -5.81
N CYS A 131 -12.99 2.80 -6.49
CA CYS A 131 -11.61 2.39 -6.71
C CYS A 131 -10.84 3.35 -7.62
N LEU A 132 -11.53 4.02 -8.54
CA LEU A 132 -10.89 4.86 -9.55
C LEU A 132 -10.66 6.30 -9.08
N VAL A 133 -11.43 6.74 -8.09
CA VAL A 133 -11.63 8.14 -7.81
C VAL A 133 -11.03 8.54 -6.47
N ARG A 134 -10.87 7.58 -5.56
CA ARG A 134 -10.51 7.88 -4.18
C ARG A 134 -9.06 8.33 -4.09
N GLU A 135 -8.12 7.58 -4.70
CA GLU A 135 -6.71 7.91 -4.56
C GLU A 135 -6.16 8.57 -5.83
N GLN A 136 -7.06 9.11 -6.66
CA GLN A 136 -6.71 9.64 -7.98
C GLN A 136 -7.25 11.07 -8.13
N GLU A 137 -6.34 12.05 -8.15
CA GLU A 137 -6.75 13.45 -8.23
C GLU A 137 -7.39 13.72 -9.58
N ALA A 138 -6.84 13.15 -10.65
CA ALA A 138 -7.35 13.34 -12.00
C ALA A 138 -8.71 12.66 -12.17
N GLY A 139 -8.89 11.46 -11.58
CA GLY A 139 -10.15 10.73 -11.63
C GLY A 139 -11.26 11.47 -10.90
N LEU A 140 -10.93 12.07 -9.76
CA LEU A 140 -11.89 12.84 -9.01
C LEU A 140 -12.27 14.14 -9.75
N LEU A 141 -11.30 14.82 -10.36
CA LEU A 141 -11.58 16.01 -11.16
C LEU A 141 -12.61 15.66 -12.24
N GLN A 142 -12.36 14.55 -12.95
CA GLN A 142 -13.25 14.04 -13.99
C GLN A 142 -14.60 13.63 -13.41
N PHE A 143 -14.59 13.01 -12.24
CA PHE A 143 -15.83 12.68 -11.54
C PHE A 143 -16.70 13.92 -11.37
N LEU A 144 -16.11 14.99 -10.82
CA LEU A 144 -16.71 16.32 -10.67
C LEU A 144 -17.26 16.82 -12.01
N ARG A 145 -16.40 16.85 -13.02
CA ARG A 145 -16.80 17.32 -14.34
C ARG A 145 -17.94 16.46 -14.88
N LEU A 146 -18.08 15.19 -14.45
CA LEU A 146 -19.12 14.30 -14.96
C LEU A 146 -20.38 14.35 -14.09
N ASP A 147 -20.41 15.25 -13.10
CA ASP A 147 -21.57 15.47 -12.24
C ASP A 147 -21.78 14.27 -11.32
N GLY A 148 -20.66 13.72 -10.84
CA GLY A 148 -20.70 12.48 -10.07
C GLY A 148 -21.28 12.67 -8.67
N PHE A 149 -21.11 13.88 -8.11
CA PHE A 149 -21.62 14.18 -6.79
C PHE A 149 -23.15 14.23 -6.78
N SER A 150 -23.76 14.71 -7.87
CA SER A 150 -25.20 14.62 -8.03
C SER A 150 -25.69 13.17 -8.18
N VAL A 151 -24.91 12.34 -8.89
CA VAL A 151 -25.19 10.93 -9.04
C VAL A 151 -25.20 10.24 -7.67
N LEU A 152 -24.16 10.49 -6.86
CA LEU A 152 -24.08 9.97 -5.50
C LEU A 152 -25.27 10.42 -4.66
N MET A 153 -25.63 11.71 -4.80
CA MET A 153 -26.75 12.28 -4.08
C MET A 153 -28.04 11.54 -4.45
N ARG A 154 -28.33 11.35 -5.74
CA ARG A 154 -29.53 10.61 -6.11
C ARG A 154 -29.48 9.17 -5.57
N ALA A 155 -28.28 8.57 -5.48
CA ALA A 155 -28.14 7.23 -4.92
C ALA A 155 -28.49 7.19 -3.43
N MET A 156 -28.16 8.27 -2.71
CA MET A 156 -28.50 8.43 -1.30
C MET A 156 -29.99 8.74 -1.12
N GLN A 157 -30.62 9.27 -2.17
CA GLN A 157 -32.02 9.68 -2.11
C GLN A 157 -32.97 8.54 -2.45
N GLN A 158 -32.51 7.50 -3.18
CA GLN A 158 -33.39 6.41 -3.58
C GLN A 158 -33.49 5.38 -2.44
N GLN A 159 -34.21 4.28 -2.71
CA GLN A 159 -34.85 3.47 -1.69
C GLN A 159 -33.92 2.39 -1.13
N VAL A 160 -32.98 1.85 -1.93
CA VAL A 160 -32.30 0.61 -1.58
C VAL A 160 -31.16 0.95 -0.61
N GLN A 161 -31.20 0.37 0.60
CA GLN A 161 -30.42 0.88 1.73
C GLN A 161 -28.92 0.62 1.47
N LYS A 162 -28.60 -0.51 0.83
CA LYS A 162 -27.21 -0.90 0.64
C LYS A 162 -26.50 0.18 -0.21
N LEU A 163 -27.17 0.64 -1.27
CA LEU A 163 -26.62 1.64 -2.16
C LEU A 163 -26.56 3.00 -1.44
N LYS A 164 -27.59 3.37 -0.66
CA LYS A 164 -27.54 4.65 0.04
C LYS A 164 -26.37 4.67 1.03
N VAL A 165 -26.11 3.58 1.75
CA VAL A 165 -25.05 3.61 2.76
C VAL A 165 -23.69 3.72 2.06
N LYS A 166 -23.53 2.98 0.96
CA LYS A 166 -22.24 2.90 0.27
C LYS A 166 -21.94 4.22 -0.46
N SER A 167 -22.95 4.81 -1.09
CA SER A 167 -22.84 6.14 -1.67
C SER A 167 -22.48 7.20 -0.64
N ALA A 168 -23.18 7.21 0.51
CA ALA A 168 -22.94 8.21 1.55
C ALA A 168 -21.53 8.04 2.10
N PHE A 169 -21.09 6.77 2.19
CA PHE A 169 -19.77 6.41 2.69
C PHE A 169 -18.73 6.97 1.73
N LEU A 170 -18.99 6.85 0.41
CA LEU A 170 -18.04 7.35 -0.57
C LEU A 170 -17.99 8.88 -0.51
N LEU A 171 -19.14 9.55 -0.44
CA LEU A 171 -19.15 11.01 -0.36
C LEU A 171 -18.33 11.50 0.83
N GLN A 172 -18.53 10.85 2.00
CA GLN A 172 -17.85 11.22 3.22
C GLN A 172 -16.34 11.09 3.01
N ASN A 173 -15.92 9.94 2.44
CA ASN A 173 -14.51 9.64 2.21
C ASN A 173 -13.83 10.66 1.28
N LEU A 174 -14.51 11.04 0.19
CA LEU A 174 -14.01 12.01 -0.78
C LEU A 174 -13.87 13.41 -0.18
N LEU A 175 -14.82 13.79 0.68
CA LEU A 175 -14.74 15.06 1.38
C LEU A 175 -13.59 15.11 2.38
N VAL A 176 -13.33 14.01 3.13
CA VAL A 176 -12.18 13.95 4.01
C VAL A 176 -10.89 14.02 3.17
N GLY A 177 -10.80 13.19 2.11
CA GLY A 177 -9.57 13.04 1.34
C GLY A 177 -9.26 14.23 0.45
N HIS A 178 -10.27 15.06 0.15
CA HIS A 178 -10.16 16.08 -0.90
C HIS A 178 -10.94 17.33 -0.48
N PRO A 179 -10.45 18.09 0.53
CA PRO A 179 -11.19 19.25 1.04
C PRO A 179 -11.15 20.47 0.11
N GLU A 180 -10.36 20.41 -0.98
CA GLU A 180 -10.31 21.55 -1.88
C GLU A 180 -11.64 21.71 -2.63
N HIS A 181 -12.57 20.76 -2.45
CA HIS A 181 -13.79 20.75 -3.24
C HIS A 181 -15.02 21.20 -2.45
N LYS A 182 -14.80 21.67 -1.20
CA LYS A 182 -15.91 22.03 -0.34
C LYS A 182 -16.73 23.19 -0.93
N GLY A 183 -16.02 24.18 -1.49
CA GLY A 183 -16.62 25.32 -2.17
C GLY A 183 -17.59 24.92 -3.27
N THR A 184 -17.13 24.08 -4.20
CA THR A 184 -17.97 23.64 -5.30
C THR A 184 -19.22 22.96 -4.75
N LEU A 185 -19.00 22.05 -3.80
CA LEU A 185 -20.07 21.23 -3.24
C LEU A 185 -21.08 22.13 -2.53
N CYS A 186 -20.61 23.08 -1.73
CA CYS A 186 -21.50 24.03 -1.08
C CYS A 186 -22.28 24.84 -2.11
N SER A 187 -21.62 25.24 -3.21
CA SER A 187 -22.25 26.13 -4.18
C SER A 187 -23.31 25.36 -4.96
N MET A 188 -23.12 24.03 -5.00
CA MET A 188 -24.04 23.11 -5.65
C MET A 188 -25.25 22.83 -4.74
N GLY A 189 -25.27 23.35 -3.51
CA GLY A 189 -26.42 23.19 -2.65
C GLY A 189 -26.42 21.83 -1.95
N MET A 190 -25.22 21.30 -1.69
CA MET A 190 -25.09 20.01 -1.03
C MET A 190 -25.45 20.12 0.45
N VAL A 191 -25.20 21.27 1.10
CA VAL A 191 -25.58 21.35 2.51
C VAL A 191 -27.08 21.05 2.63
N GLN A 192 -27.87 21.71 1.77
CA GLN A 192 -29.33 21.58 1.76
C GLN A 192 -29.75 20.13 1.48
N GLN A 193 -29.12 19.51 0.47
CA GLN A 193 -29.50 18.18 0.04
C GLN A 193 -29.12 17.14 1.08
N LEU A 194 -27.99 17.33 1.76
CA LEU A 194 -27.56 16.46 2.83
C LEU A 194 -28.46 16.61 4.06
N VAL A 195 -28.83 17.86 4.40
CA VAL A 195 -29.66 18.10 5.55
C VAL A 195 -31.04 17.49 5.30
N ALA A 196 -31.50 17.44 4.04
CA ALA A 196 -32.77 16.81 3.77
C ALA A 196 -32.71 15.33 4.09
N LEU A 197 -31.54 14.71 3.91
CA LEU A 197 -31.36 13.29 4.19
C LEU A 197 -31.37 13.03 5.70
N VAL A 198 -30.90 14.03 6.45
CA VAL A 198 -30.89 13.99 7.90
C VAL A 198 -32.32 14.04 8.44
N ARG A 199 -33.26 14.61 7.67
CA ARG A 199 -34.64 14.72 8.09
C ARG A 199 -35.37 13.38 7.98
N THR A 200 -34.83 12.45 7.18
CA THR A 200 -35.50 11.16 6.97
C THR A 200 -35.40 10.32 8.24
N GLU A 201 -36.06 9.16 8.22
CA GLU A 201 -36.06 8.24 9.33
C GLU A 201 -34.62 7.85 9.67
N HIS A 202 -34.25 7.95 10.94
CA HIS A 202 -32.91 7.59 11.35
C HIS A 202 -32.58 6.16 10.92
N SER A 203 -31.34 5.99 10.45
CA SER A 203 -30.85 4.75 9.87
C SER A 203 -29.32 4.85 9.78
N PRO A 204 -28.61 3.76 9.40
CA PRO A 204 -27.14 3.77 9.41
C PRO A 204 -26.44 4.75 8.44
N PHE A 205 -27.08 5.09 7.30
CA PHE A 205 -26.44 6.00 6.37
C PHE A 205 -26.35 7.42 6.93
N HIS A 206 -27.14 7.76 7.98
CA HIS A 206 -27.15 9.10 8.57
C HIS A 206 -25.77 9.48 9.08
N GLU A 207 -25.02 8.49 9.59
CA GLU A 207 -23.71 8.73 10.16
C GLU A 207 -22.79 9.39 9.13
N HIS A 208 -22.86 8.86 7.91
CA HIS A 208 -21.97 9.26 6.83
C HIS A 208 -22.41 10.61 6.29
N VAL A 209 -23.73 10.81 6.18
CA VAL A 209 -24.33 12.08 5.79
C VAL A 209 -23.86 13.22 6.71
N LEU A 210 -23.94 12.99 8.02
CA LEU A 210 -23.53 13.98 9.00
C LEU A 210 -22.01 14.11 9.04
N GLY A 211 -21.28 13.02 8.78
CA GLY A 211 -19.83 13.13 8.66
C GLY A 211 -19.43 14.04 7.49
N ALA A 212 -20.18 13.95 6.39
CA ALA A 212 -19.93 14.75 5.20
C ALA A 212 -20.20 16.23 5.52
N LEU A 213 -21.35 16.51 6.15
CA LEU A 213 -21.67 17.86 6.59
C LEU A 213 -20.56 18.45 7.46
N CYS A 214 -20.05 17.62 8.38
CA CYS A 214 -18.93 18.02 9.22
C CYS A 214 -17.74 18.49 8.42
N SER A 215 -17.41 17.75 7.36
CA SER A 215 -16.29 18.13 6.51
C SER A 215 -16.56 19.52 5.90
N LEU A 216 -17.82 19.78 5.52
CA LEU A 216 -18.14 20.98 4.76
C LEU A 216 -18.10 22.24 5.61
N VAL A 217 -18.23 22.12 6.95
CA VAL A 217 -18.23 23.29 7.82
C VAL A 217 -16.87 23.48 8.47
N THR A 218 -16.02 22.47 8.41
CA THR A 218 -14.78 22.47 9.14
C THR A 218 -13.82 23.44 8.47
N ASP A 219 -13.51 24.56 9.16
CA ASP A 219 -12.66 25.66 8.70
C ASP A 219 -13.17 26.21 7.37
N PHE A 220 -14.49 26.28 7.19
CA PHE A 220 -15.03 26.64 5.89
C PHE A 220 -16.23 27.55 6.09
N PRO A 221 -16.02 28.89 6.11
CA PRO A 221 -17.11 29.83 6.39
C PRO A 221 -18.36 29.65 5.53
N GLN A 222 -18.22 29.26 4.25
CA GLN A 222 -19.37 29.12 3.37
C GLN A 222 -20.26 27.99 3.85
N GLY A 223 -19.65 26.91 4.33
CA GLY A 223 -20.39 25.77 4.85
C GLY A 223 -21.18 26.12 6.10
N VAL A 224 -20.53 26.87 7.00
CA VAL A 224 -21.13 27.39 8.21
C VAL A 224 -22.33 28.27 7.84
N ARG A 225 -22.15 29.18 6.87
CA ARG A 225 -23.20 30.12 6.48
C ARG A 225 -24.43 29.34 6.01
N GLU A 226 -24.21 28.33 5.16
CA GLU A 226 -25.28 27.54 4.58
C GLU A 226 -26.01 26.77 5.66
N CYS A 227 -25.25 26.21 6.62
CA CYS A 227 -25.81 25.46 7.73
C CYS A 227 -26.71 26.34 8.60
N ARG A 228 -26.36 27.65 8.70
CA ARG A 228 -27.05 28.61 9.56
C ARG A 228 -28.27 29.24 8.88
N GLU A 229 -28.50 28.96 7.58
CA GLU A 229 -29.62 29.53 6.85
C GLU A 229 -30.93 29.27 7.60
N PRO A 230 -31.72 30.32 7.95
CA PRO A 230 -32.95 30.15 8.75
C PRO A 230 -33.96 29.13 8.23
N GLU A 231 -34.11 29.00 6.91
CA GLU A 231 -35.08 28.09 6.34
C GLU A 231 -34.66 26.63 6.47
N LEU A 232 -33.37 26.36 6.63
CA LEU A 232 -32.87 25.00 6.64
C LEU A 232 -33.32 24.28 7.92
N GLY A 233 -33.39 25.00 9.04
CA GLY A 233 -33.86 24.44 10.29
C GLY A 233 -32.92 23.38 10.86
N LEU A 234 -31.62 23.55 10.65
CA LEU A 234 -30.66 22.52 10.97
C LEU A 234 -30.40 22.43 12.49
N GLU A 235 -30.40 23.54 13.22
CA GLU A 235 -30.14 23.47 14.66
C GLU A 235 -31.15 22.55 15.37
N GLU A 236 -32.43 22.71 15.06
CA GLU A 236 -33.51 21.92 15.63
C GLU A 236 -33.18 20.44 15.36
N LEU A 237 -32.89 20.11 14.10
CA LEU A 237 -32.58 18.75 13.68
C LEU A 237 -31.44 18.17 14.53
N LEU A 238 -30.32 18.90 14.64
CA LEU A 238 -29.14 18.38 15.31
C LEU A 238 -29.41 18.13 16.79
N ARG A 239 -30.26 18.95 17.40
CA ARG A 239 -30.46 18.90 18.85
C ARG A 239 -31.36 17.73 19.17
N HIS A 240 -32.37 17.48 18.32
CA HIS A 240 -33.22 16.31 18.45
C HIS A 240 -32.39 15.04 18.23
N ARG A 241 -31.48 15.05 17.25
CA ARG A 241 -30.65 13.90 16.96
C ARG A 241 -29.71 13.61 18.13
N CYS A 242 -29.09 14.65 18.71
CA CYS A 242 -28.24 14.49 19.88
C CYS A 242 -28.97 13.77 21.01
N GLN A 243 -30.21 14.20 21.28
CA GLN A 243 -30.92 13.65 22.42
C GLN A 243 -31.35 12.21 22.11
N LEU A 244 -31.58 11.88 20.85
CA LEU A 244 -31.93 10.52 20.41
C LEU A 244 -30.71 9.58 20.49
N LEU A 245 -29.47 10.07 20.41
CA LEU A 245 -28.34 9.17 20.25
C LEU A 245 -27.46 9.08 21.50
N GLN A 246 -27.70 9.96 22.48
CA GLN A 246 -26.66 10.35 23.44
C GLN A 246 -26.33 9.24 24.45
N GLN A 247 -27.31 8.38 24.75
CA GLN A 247 -27.16 7.31 25.73
C GLN A 247 -26.64 6.01 25.09
N HIS A 248 -26.52 5.99 23.75
CA HIS A 248 -26.25 4.77 22.99
C HIS A 248 -24.84 4.81 22.42
N GLU A 249 -24.07 3.80 22.85
CA GLU A 249 -22.65 3.71 22.58
C GLU A 249 -22.40 3.50 21.09
N GLU A 250 -23.36 2.90 20.35
CA GLU A 250 -23.15 2.44 18.98
C GLU A 250 -23.39 3.54 17.94
N TYR A 251 -23.92 4.68 18.39
CA TYR A 251 -24.12 5.87 17.56
C TYR A 251 -23.14 6.98 17.93
N GLN A 252 -22.16 6.67 18.78
CA GLN A 252 -21.24 7.66 19.30
C GLN A 252 -20.62 8.50 18.17
N GLU A 253 -20.37 7.92 17.00
CA GLU A 253 -19.67 8.63 15.94
C GLU A 253 -20.59 9.63 15.25
N GLU A 254 -21.83 9.22 14.95
CA GLU A 254 -22.83 10.14 14.42
C GLU A 254 -23.13 11.25 15.43
N LEU A 255 -23.17 10.89 16.72
CA LEU A 255 -23.41 11.85 17.79
C LEU A 255 -22.28 12.88 17.80
N GLU A 256 -21.02 12.42 17.65
CA GLU A 256 -19.87 13.31 17.64
C GLU A 256 -19.97 14.29 16.47
N PHE A 257 -20.47 13.83 15.31
CA PHE A 257 -20.66 14.68 14.14
C PHE A 257 -21.71 15.76 14.42
N CYS A 258 -22.85 15.38 15.00
CA CYS A 258 -23.89 16.31 15.41
C CYS A 258 -23.35 17.37 16.38
N GLU A 259 -22.63 16.93 17.41
CA GLU A 259 -22.08 17.83 18.39
C GLU A 259 -21.09 18.79 17.76
N LYS A 260 -20.24 18.30 16.86
CA LYS A 260 -19.26 19.13 16.18
C LYS A 260 -19.99 20.18 15.34
N LEU A 261 -21.08 19.79 14.68
CA LEU A 261 -21.84 20.73 13.87
C LEU A 261 -22.49 21.80 14.75
N LEU A 262 -23.03 21.38 15.90
CA LEU A 262 -23.62 22.33 16.82
C LEU A 262 -22.56 23.29 17.33
N GLN A 263 -21.39 22.77 17.72
CA GLN A 263 -20.31 23.60 18.23
C GLN A 263 -19.88 24.57 17.13
N THR A 264 -19.60 24.04 15.94
CA THR A 264 -19.05 24.84 14.85
C THR A 264 -20.07 25.89 14.39
N CYS A 265 -21.37 25.54 14.34
CA CYS A 265 -22.33 26.38 13.63
C CYS A 265 -23.31 27.11 14.54
N PHE A 266 -23.56 26.61 15.77
CA PHE A 266 -24.63 27.16 16.59
C PHE A 266 -24.11 27.41 18.03
N SER A 267 -23.08 28.26 18.16
CA SER A 267 -22.38 28.53 19.42
C SER A 267 -21.83 27.24 20.03
N ARG B 4 -34.73 26.58 40.53
CA ARG B 4 -34.71 25.35 39.66
C ARG B 4 -36.14 24.99 39.27
N GLY B 5 -36.97 24.55 40.25
CA GLY B 5 -38.32 24.06 40.00
C GLY B 5 -38.40 22.55 39.72
N GLU B 6 -37.32 21.82 40.06
CA GLU B 6 -37.13 20.44 39.64
C GLU B 6 -37.66 19.45 40.68
N VAL B 7 -37.51 19.77 41.98
CA VAL B 7 -38.03 18.92 43.04
C VAL B 7 -39.57 18.91 42.97
N GLU B 8 -40.16 20.05 42.62
CA GLU B 8 -41.61 20.15 42.56
C GLU B 8 -42.13 19.38 41.35
N GLN B 9 -41.48 19.56 40.19
CA GLN B 9 -41.85 18.79 39.01
C GLN B 9 -41.81 17.30 39.37
N MET B 10 -40.73 16.87 40.00
CA MET B 10 -40.53 15.45 40.23
C MET B 10 -41.66 14.93 41.11
N LYS B 11 -42.00 15.70 42.15
CA LYS B 11 -43.01 15.29 43.11
C LYS B 11 -44.40 15.33 42.50
N SER B 12 -44.65 16.31 41.61
CA SER B 12 -45.92 16.42 40.91
C SER B 12 -46.11 15.26 39.94
N CYS B 13 -45.02 14.86 39.27
CA CYS B 13 -45.07 13.73 38.37
C CYS B 13 -45.35 12.44 39.15
N LEU B 14 -44.64 12.22 40.27
CA LEU B 14 -44.88 11.02 41.08
C LEU B 14 -46.32 11.01 41.58
N ARG B 15 -46.93 12.19 41.84
CA ARG B 15 -48.32 12.22 42.28
C ARG B 15 -49.26 11.75 41.18
N VAL B 16 -49.03 12.20 39.94
CA VAL B 16 -49.81 11.72 38.80
C VAL B 16 -49.69 10.19 38.69
N LEU B 17 -48.46 9.68 38.76
CA LEU B 17 -48.18 8.27 38.51
C LEU B 17 -48.67 7.41 39.67
N SER B 18 -48.77 7.99 40.87
CA SER B 18 -49.20 7.27 42.05
C SER B 18 -50.71 7.08 42.08
N GLN B 19 -51.45 7.89 41.34
CA GLN B 19 -52.90 7.78 41.30
C GLN B 19 -53.29 6.38 40.83
N PRO B 20 -54.41 5.83 41.37
CA PRO B 20 -55.02 4.62 40.85
C PRO B 20 -55.51 4.84 39.42
N MET B 21 -55.41 3.78 38.62
CA MET B 21 -56.02 3.78 37.29
C MET B 21 -57.49 4.14 37.51
N PRO B 22 -58.11 4.99 36.65
CA PRO B 22 -59.49 5.45 36.88
C PRO B 22 -60.49 4.29 36.83
N PRO B 23 -61.55 4.30 37.68
CA PRO B 23 -62.34 3.08 37.95
C PRO B 23 -63.29 2.71 36.81
N THR B 24 -64.52 3.24 36.86
CA THR B 24 -65.36 3.38 35.68
C THR B 24 -64.74 4.44 34.78
N ALA B 25 -64.34 4.05 33.56
CA ALA B 25 -63.77 5.00 32.63
C ALA B 25 -64.23 4.71 31.21
N GLY B 26 -64.70 5.76 30.52
CA GLY B 26 -64.88 5.73 29.08
C GLY B 26 -63.56 5.96 28.34
N GLU B 27 -63.61 5.86 27.01
CA GLU B 27 -62.42 5.86 26.17
C GLU B 27 -61.63 7.18 26.28
N ALA B 28 -62.37 8.28 26.34
CA ALA B 28 -61.75 9.59 26.36
C ALA B 28 -61.04 9.78 27.71
N GLU B 29 -61.67 9.33 28.80
CA GLU B 29 -61.09 9.43 30.13
C GLU B 29 -59.82 8.56 30.19
N GLN B 30 -59.92 7.33 29.69
CA GLN B 30 -58.81 6.38 29.70
C GLN B 30 -57.63 6.92 28.90
N ALA B 31 -57.92 7.50 27.71
CA ALA B 31 -56.88 8.03 26.83
C ALA B 31 -56.21 9.26 27.44
N ALA B 32 -56.99 10.17 28.03
CA ALA B 32 -56.45 11.34 28.70
C ALA B 32 -55.58 10.92 29.88
N ASP B 33 -56.06 9.99 30.70
CA ASP B 33 -55.32 9.46 31.83
C ASP B 33 -53.97 8.87 31.40
N GLN B 34 -53.95 8.10 30.31
CA GLN B 34 -52.71 7.52 29.81
C GLN B 34 -51.73 8.61 29.37
N GLN B 35 -52.22 9.61 28.63
CA GLN B 35 -51.38 10.72 28.16
C GLN B 35 -50.73 11.47 29.33
N GLU B 36 -51.50 11.71 30.40
CA GLU B 36 -51.00 12.40 31.58
C GLU B 36 -49.88 11.58 32.24
N ARG B 37 -50.03 10.25 32.32
CA ARG B 37 -49.00 9.40 32.91
C ARG B 37 -47.77 9.31 31.99
N GLU B 38 -47.99 9.22 30.67
CA GLU B 38 -46.92 9.28 29.70
C GLU B 38 -46.13 10.58 29.86
N GLY B 39 -46.84 11.70 29.94
CA GLY B 39 -46.19 12.99 30.11
C GLY B 39 -45.35 13.07 31.39
N ALA B 40 -45.89 12.51 32.48
CA ALA B 40 -45.18 12.46 33.76
C ALA B 40 -43.85 11.71 33.62
N LEU B 41 -43.90 10.52 33.02
CA LEU B 41 -42.70 9.73 32.76
C LEU B 41 -41.70 10.49 31.89
N GLU B 42 -42.18 11.17 30.85
CA GLU B 42 -41.29 11.96 29.98
C GLU B 42 -40.62 13.10 30.77
N LEU B 43 -41.40 13.86 31.55
CA LEU B 43 -40.84 14.94 32.35
C LEU B 43 -39.83 14.38 33.35
N LEU B 44 -40.12 13.22 33.95
CA LEU B 44 -39.18 12.60 34.87
C LEU B 44 -37.88 12.19 34.16
N ALA B 45 -37.99 11.71 32.90
CA ALA B 45 -36.83 11.30 32.11
C ALA B 45 -35.89 12.49 31.88
N ASP B 46 -36.43 13.63 31.46
CA ASP B 46 -35.69 14.88 31.35
C ASP B 46 -34.92 15.19 32.63
N LEU B 47 -35.64 15.18 33.78
CA LEU B 47 -35.02 15.47 35.07
C LEU B 47 -33.91 14.45 35.32
N CYS B 48 -34.16 13.18 34.99
CA CYS B 48 -33.34 12.10 35.50
C CYS B 48 -32.09 11.84 34.64
N GLU B 49 -31.88 12.62 33.56
CA GLU B 49 -30.61 12.65 32.86
C GLU B 49 -29.49 13.18 33.75
N ASN B 50 -29.85 14.06 34.69
CA ASN B 50 -28.95 14.48 35.77
C ASN B 50 -28.88 13.41 36.84
N MET B 51 -27.66 13.06 37.28
CA MET B 51 -27.43 11.92 38.16
C MET B 51 -27.99 12.17 39.57
N ASP B 52 -28.09 13.45 39.97
CA ASP B 52 -28.55 13.81 41.30
C ASP B 52 -30.08 13.76 41.38
N ASN B 53 -30.73 14.24 40.33
CA ASN B 53 -32.16 14.07 40.13
C ASN B 53 -32.50 12.58 40.18
N ALA B 54 -31.74 11.80 39.42
CA ALA B 54 -31.90 10.35 39.38
C ALA B 54 -31.88 9.76 40.78
N ALA B 55 -30.89 10.16 41.59
CA ALA B 55 -30.76 9.68 42.97
C ALA B 55 -31.90 10.16 43.83
N ASP B 56 -32.31 11.43 43.67
CA ASP B 56 -33.47 11.98 44.39
C ASP B 56 -34.72 11.20 44.02
N PHE B 57 -34.88 10.88 42.74
CA PHE B 57 -35.99 10.05 42.27
C PHE B 57 -36.07 8.73 43.02
N CYS B 58 -34.93 8.06 43.20
CA CYS B 58 -34.87 6.77 43.89
C CYS B 58 -35.14 6.93 45.38
N GLN B 59 -34.64 8.04 45.93
CA GLN B 59 -34.86 8.37 47.34
C GLN B 59 -36.35 8.59 47.56
N LEU B 60 -37.09 9.02 46.52
CA LEU B 60 -38.52 9.23 46.62
C LEU B 60 -39.33 7.99 46.27
N SER B 61 -38.67 6.82 46.17
CA SER B 61 -39.31 5.54 45.91
C SER B 61 -39.94 5.50 44.52
N GLY B 62 -39.38 6.27 43.57
CA GLY B 62 -39.85 6.19 42.20
C GLY B 62 -39.58 4.82 41.55
N MET B 63 -38.43 4.20 41.85
CA MET B 63 -38.12 2.91 41.24
C MET B 63 -39.06 1.84 41.76
N HIS B 64 -39.53 1.99 43.01
CA HIS B 64 -40.54 1.09 43.57
C HIS B 64 -41.81 1.14 42.73
N LEU B 65 -42.21 2.35 42.32
CA LEU B 65 -43.43 2.58 41.54
C LEU B 65 -43.27 2.07 40.10
N LEU B 66 -42.14 2.36 39.47
CA LEU B 66 -41.90 1.92 38.10
C LEU B 66 -41.83 0.40 38.04
N VAL B 67 -41.03 -0.21 38.92
CA VAL B 67 -40.84 -1.65 38.84
C VAL B 67 -42.11 -2.38 39.24
N GLY B 68 -42.73 -1.92 40.35
CA GLY B 68 -43.95 -2.48 40.89
C GLY B 68 -45.20 -2.35 40.01
N ARG B 69 -45.38 -1.22 39.32
CA ARG B 69 -46.64 -0.97 38.63
C ARG B 69 -46.46 -0.78 37.12
N TYR B 70 -45.42 -0.08 36.65
CA TYR B 70 -45.44 0.46 35.29
C TYR B 70 -44.80 -0.49 34.25
N LEU B 71 -43.87 -1.35 34.64
CA LEU B 71 -43.33 -2.35 33.71
C LEU B 71 -44.40 -3.36 33.28
N GLU B 72 -45.45 -3.55 34.07
CA GLU B 72 -46.54 -4.45 33.72
C GLU B 72 -47.84 -3.68 33.48
N ALA B 73 -47.74 -2.39 33.19
CA ALA B 73 -48.92 -1.61 32.86
C ALA B 73 -49.54 -2.18 31.58
N GLY B 74 -50.87 -2.03 31.49
CA GLY B 74 -51.65 -2.42 30.33
C GLY B 74 -51.14 -1.79 29.03
N ALA B 75 -50.77 -0.49 29.07
CA ALA B 75 -50.47 0.25 27.85
C ALA B 75 -48.98 0.17 27.54
N ALA B 76 -48.65 -0.18 26.29
CA ALA B 76 -47.26 -0.26 25.84
C ALA B 76 -46.54 1.05 26.10
N GLY B 77 -47.20 2.20 25.90
CA GLY B 77 -46.60 3.51 26.01
C GLY B 77 -46.05 3.79 27.40
N LEU B 78 -46.72 3.25 28.42
CA LEU B 78 -46.27 3.34 29.80
C LEU B 78 -45.11 2.39 30.05
N ARG B 79 -45.25 1.15 29.57
CA ARG B 79 -44.21 0.14 29.80
C ARG B 79 -42.86 0.62 29.24
N TRP B 80 -42.86 1.17 28.02
CA TRP B 80 -41.60 1.47 27.37
C TRP B 80 -40.99 2.72 27.99
N ARG B 81 -41.84 3.69 28.33
CA ARG B 81 -41.36 4.88 29.02
C ARG B 81 -40.85 4.52 30.42
N ALA B 82 -41.49 3.56 31.11
CA ALA B 82 -41.02 3.11 32.41
C ALA B 82 -39.65 2.43 32.28
N ALA B 83 -39.52 1.48 31.34
CA ALA B 83 -38.24 0.81 31.08
C ALA B 83 -37.14 1.82 30.76
N GLN B 84 -37.45 2.79 29.89
CA GLN B 84 -36.51 3.83 29.48
C GLN B 84 -35.99 4.62 30.67
N LEU B 85 -36.92 5.00 31.57
CA LEU B 85 -36.60 5.82 32.72
C LEU B 85 -35.71 5.05 33.69
N ILE B 86 -35.97 3.76 33.87
CA ILE B 86 -35.11 2.90 34.67
C ILE B 86 -33.69 2.91 34.10
N GLY B 87 -33.56 2.73 32.78
CA GLY B 87 -32.25 2.78 32.15
C GLY B 87 -31.56 4.13 32.31
N THR B 88 -32.29 5.24 32.10
CA THR B 88 -31.74 6.58 32.22
C THR B 88 -31.15 6.78 33.62
N CYS B 89 -31.93 6.45 34.64
CA CYS B 89 -31.49 6.67 36.01
C CYS B 89 -30.29 5.79 36.36
N SER B 90 -30.32 4.53 35.92
CA SER B 90 -29.39 3.55 36.42
C SER B 90 -28.09 3.56 35.60
N GLN B 91 -28.13 4.12 34.37
CA GLN B 91 -27.06 3.94 33.41
C GLN B 91 -25.72 4.31 34.03
N ASN B 92 -25.65 5.47 34.70
CA ASN B 92 -24.35 6.00 35.09
C ASN B 92 -24.09 5.84 36.58
N VAL B 93 -25.04 5.29 37.37
CA VAL B 93 -24.90 5.28 38.82
C VAL B 93 -24.98 3.85 39.36
N ALA B 94 -23.85 3.36 39.90
CA ALA B 94 -23.74 2.00 40.42
C ALA B 94 -24.74 1.77 41.55
N ALA B 95 -24.91 2.74 42.46
CA ALA B 95 -25.84 2.63 43.57
C ALA B 95 -27.28 2.40 43.10
N ILE B 96 -27.68 3.04 41.99
CA ILE B 96 -29.06 2.96 41.49
C ILE B 96 -29.26 1.61 40.80
N GLN B 97 -28.22 1.15 40.08
CA GLN B 97 -28.20 -0.18 39.48
C GLN B 97 -28.48 -1.24 40.54
N GLU B 98 -27.81 -1.13 41.69
CA GLU B 98 -27.97 -2.12 42.75
C GLU B 98 -29.39 -2.05 43.31
N GLN B 99 -29.89 -0.83 43.53
CA GLN B 99 -31.22 -0.64 44.10
C GLN B 99 -32.26 -1.27 43.17
N VAL B 100 -32.15 -0.98 41.86
CA VAL B 100 -33.10 -1.45 40.86
C VAL B 100 -33.08 -2.96 40.73
N LEU B 101 -31.86 -3.56 40.76
CA LEU B 101 -31.72 -5.01 40.75
C LEU B 101 -32.43 -5.62 41.97
N GLY B 102 -32.25 -5.02 43.16
CA GLY B 102 -32.83 -5.57 44.38
C GLY B 102 -34.37 -5.48 44.42
N LEU B 103 -34.96 -4.72 43.47
CA LEU B 103 -36.40 -4.51 43.39
C LEU B 103 -37.01 -5.48 42.39
N GLY B 104 -36.22 -6.44 41.87
CA GLY B 104 -36.75 -7.46 40.99
C GLY B 104 -37.04 -6.96 39.57
N ALA B 105 -36.34 -5.88 39.15
CA ALA B 105 -36.49 -5.29 37.82
C ALA B 105 -36.10 -6.25 36.69
N LEU B 106 -35.01 -7.03 36.85
CA LEU B 106 -34.46 -7.84 35.77
C LEU B 106 -35.46 -8.88 35.23
N ARG B 107 -36.14 -9.62 36.13
CA ARG B 107 -37.10 -10.64 35.72
C ARG B 107 -38.21 -10.01 34.89
N LYS B 108 -38.70 -8.83 35.30
CA LYS B 108 -39.75 -8.13 34.60
C LYS B 108 -39.24 -7.60 33.25
N LEU B 109 -38.03 -7.03 33.23
CA LEU B 109 -37.45 -6.50 31.99
C LEU B 109 -37.20 -7.60 30.96
N LEU B 110 -36.66 -8.74 31.42
CA LEU B 110 -36.41 -9.87 30.53
C LEU B 110 -37.73 -10.35 29.93
N ARG B 111 -38.78 -10.40 30.75
CA ARG B 111 -40.09 -10.84 30.29
C ARG B 111 -40.57 -9.87 29.19
N LEU B 112 -40.40 -8.55 29.39
CA LEU B 112 -40.80 -7.59 28.36
C LEU B 112 -39.98 -7.80 27.07
N LEU B 113 -38.65 -7.90 27.23
CA LEU B 113 -37.77 -8.11 26.10
C LEU B 113 -38.17 -9.36 25.31
N ASP B 114 -38.58 -10.41 26.00
CA ASP B 114 -38.79 -11.70 25.38
C ASP B 114 -40.20 -11.82 24.78
N ARG B 115 -41.20 -11.12 25.35
CA ARG B 115 -42.58 -11.50 25.07
C ARG B 115 -43.43 -10.35 24.55
N ASP B 116 -42.99 -9.10 24.68
CA ASP B 116 -43.91 -7.98 24.55
C ASP B 116 -44.31 -7.79 23.09
N ALA B 117 -45.60 -7.49 22.87
CA ALA B 117 -46.18 -7.27 21.55
C ALA B 117 -45.58 -6.03 20.88
N CYS B 118 -45.16 -5.05 21.67
CA CYS B 118 -44.66 -3.78 21.16
C CYS B 118 -43.13 -3.85 21.09
N ASP B 119 -42.58 -3.47 19.94
CA ASP B 119 -41.14 -3.53 19.68
C ASP B 119 -40.38 -2.47 20.48
N THR B 120 -40.98 -1.29 20.67
CA THR B 120 -40.40 -0.18 21.42
C THR B 120 -40.20 -0.61 22.88
N VAL B 121 -41.18 -1.30 23.46
CA VAL B 121 -41.04 -1.85 24.80
C VAL B 121 -39.82 -2.79 24.86
N ARG B 122 -39.70 -3.69 23.87
CA ARG B 122 -38.58 -4.63 23.86
C ARG B 122 -37.25 -3.88 23.86
N VAL B 123 -37.16 -2.85 22.99
CA VAL B 123 -35.92 -2.12 22.80
C VAL B 123 -35.55 -1.37 24.07
N LYS B 124 -36.51 -0.71 24.71
CA LYS B 124 -36.27 0.02 25.95
C LYS B 124 -35.97 -0.93 27.10
N ALA B 125 -36.65 -2.08 27.14
CA ALA B 125 -36.32 -3.11 28.12
C ALA B 125 -34.86 -3.51 27.97
N LEU B 126 -34.41 -3.68 26.73
CA LEU B 126 -33.07 -4.12 26.45
C LEU B 126 -32.10 -3.03 26.88
N PHE B 127 -32.49 -1.78 26.63
CA PHE B 127 -31.70 -0.65 27.10
C PHE B 127 -31.55 -0.74 28.62
N ALA B 128 -32.69 -0.86 29.32
CA ALA B 128 -32.68 -0.95 30.78
C ALA B 128 -31.79 -2.10 31.23
N ILE B 129 -31.94 -3.29 30.60
CA ILE B 129 -31.17 -4.48 30.98
C ILE B 129 -29.67 -4.22 30.83
N SER B 130 -29.29 -3.65 29.69
CA SER B 130 -27.92 -3.29 29.40
C SER B 130 -27.33 -2.41 30.49
N CYS B 131 -28.10 -1.42 30.97
CA CYS B 131 -27.64 -0.51 32.04
C CYS B 131 -27.43 -1.22 33.37
N LEU B 132 -28.20 -2.28 33.63
CA LEU B 132 -28.18 -2.97 34.91
C LEU B 132 -27.10 -4.05 35.01
N VAL B 133 -26.66 -4.57 33.86
CA VAL B 133 -26.00 -5.86 33.79
C VAL B 133 -24.54 -5.73 33.35
N ARG B 134 -24.21 -4.65 32.66
CA ARG B 134 -22.91 -4.51 32.02
C ARG B 134 -21.83 -4.22 33.06
N GLU B 135 -22.09 -3.29 34.00
CA GLU B 135 -21.10 -2.86 34.97
C GLU B 135 -21.32 -3.52 36.33
N GLN B 136 -22.18 -4.56 36.38
CA GLN B 136 -22.67 -5.14 37.62
C GLN B 136 -22.44 -6.64 37.61
N GLU B 137 -21.51 -7.14 38.44
CA GLU B 137 -21.23 -8.55 38.49
C GLU B 137 -22.45 -9.32 39.03
N ALA B 138 -23.11 -8.76 40.04
CA ALA B 138 -24.29 -9.36 40.65
C ALA B 138 -25.47 -9.39 39.67
N GLY B 139 -25.65 -8.30 38.91
CA GLY B 139 -26.71 -8.17 37.92
C GLY B 139 -26.54 -9.18 36.78
N LEU B 140 -25.29 -9.35 36.35
CA LEU B 140 -24.99 -10.33 35.31
C LEU B 140 -25.23 -11.76 35.82
N LEU B 141 -24.82 -12.06 37.06
CA LEU B 141 -25.06 -13.38 37.65
C LEU B 141 -26.55 -13.69 37.60
N GLN B 142 -27.38 -12.73 38.06
CA GLN B 142 -28.83 -12.84 38.05
C GLN B 142 -29.39 -12.93 36.62
N PHE B 143 -28.80 -12.17 35.70
CA PHE B 143 -29.17 -12.28 34.30
C PHE B 143 -29.03 -13.72 33.80
N LEU B 144 -27.84 -14.32 34.04
CA LEU B 144 -27.54 -15.73 33.78
C LEU B 144 -28.57 -16.65 34.42
N ARG B 145 -28.78 -16.48 35.73
CA ARG B 145 -29.73 -17.32 36.44
C ARG B 145 -31.13 -17.16 35.84
N LEU B 146 -31.43 -16.00 35.22
CA LEU B 146 -32.77 -15.77 34.66
C LEU B 146 -32.87 -16.19 33.20
N ASP B 147 -31.80 -16.79 32.66
CA ASP B 147 -31.76 -17.33 31.31
C ASP B 147 -31.78 -16.18 30.30
N GLY B 148 -31.05 -15.11 30.63
CA GLY B 148 -31.06 -13.91 29.84
C GLY B 148 -30.34 -14.06 28.51
N PHE B 149 -29.34 -14.96 28.45
CA PHE B 149 -28.59 -15.18 27.24
C PHE B 149 -29.44 -15.88 26.18
N SER B 150 -30.35 -16.76 26.59
CA SER B 150 -31.34 -17.34 25.70
C SER B 150 -32.35 -16.29 25.22
N VAL B 151 -32.74 -15.35 26.09
CA VAL B 151 -33.61 -14.25 25.71
C VAL B 151 -32.94 -13.40 24.63
N LEU B 152 -31.67 -13.01 24.84
CA LEU B 152 -30.89 -12.28 23.84
C LEU B 152 -30.81 -13.06 22.52
N MET B 153 -30.61 -14.39 22.62
CA MET B 153 -30.51 -15.24 21.45
C MET B 153 -31.82 -15.20 20.67
N ARG B 154 -32.98 -15.36 21.34
CA ARG B 154 -34.25 -15.26 20.62
C ARG B 154 -34.44 -13.87 20.01
N ALA B 155 -33.92 -12.81 20.67
CA ALA B 155 -33.99 -11.46 20.12
C ALA B 155 -33.18 -11.33 18.83
N MET B 156 -32.04 -12.04 18.76
CA MET B 156 -31.19 -12.06 17.58
C MET B 156 -31.82 -12.93 16.49
N GLN B 157 -32.69 -13.86 16.87
CA GLN B 157 -33.32 -14.80 15.95
C GLN B 157 -34.60 -14.23 15.31
N GLN B 158 -35.26 -13.24 15.96
CA GLN B 158 -36.50 -12.68 15.44
C GLN B 158 -36.19 -11.61 14.39
N GLN B 159 -37.26 -10.98 13.87
CA GLN B 159 -37.22 -10.37 12.55
C GLN B 159 -36.76 -8.90 12.60
N VAL B 160 -37.01 -8.19 13.72
CA VAL B 160 -36.87 -6.73 13.73
C VAL B 160 -35.40 -6.38 13.89
N GLN B 161 -34.82 -5.66 12.91
CA GLN B 161 -33.38 -5.55 12.77
C GLN B 161 -32.79 -4.77 13.94
N LYS B 162 -33.51 -3.74 14.40
CA LYS B 162 -32.97 -2.86 15.44
C LYS B 162 -32.69 -3.67 16.71
N LEU B 163 -33.62 -4.56 17.06
CA LEU B 163 -33.49 -5.40 18.25
C LEU B 163 -32.40 -6.46 18.04
N LYS B 164 -32.33 -7.07 16.85
CA LYS B 164 -31.26 -8.02 16.55
C LYS B 164 -29.90 -7.39 16.78
N VAL B 165 -29.70 -6.16 16.25
CA VAL B 165 -28.37 -5.56 16.29
C VAL B 165 -28.00 -5.23 17.74
N LYS B 166 -28.98 -4.70 18.48
CA LYS B 166 -28.75 -4.21 19.84
C LYS B 166 -28.53 -5.37 20.81
N SER B 167 -29.32 -6.45 20.65
CA SER B 167 -29.10 -7.70 21.38
C SER B 167 -27.71 -8.29 21.11
N ALA B 168 -27.33 -8.39 19.83
CA ALA B 168 -26.04 -8.98 19.46
C ALA B 168 -24.91 -8.13 20.01
N PHE B 169 -25.13 -6.81 20.02
CA PHE B 169 -24.16 -5.85 20.51
C PHE B 169 -23.97 -6.09 22.02
N LEU B 170 -25.07 -6.33 22.72
CA LEU B 170 -24.99 -6.56 24.16
C LEU B 170 -24.27 -7.88 24.44
N LEU B 171 -24.63 -8.95 23.71
CA LEU B 171 -23.96 -10.24 23.94
C LEU B 171 -22.45 -10.10 23.74
N GLN B 172 -22.03 -9.40 22.68
CA GLN B 172 -20.63 -9.22 22.36
C GLN B 172 -19.94 -8.49 23.51
N ASN B 173 -20.57 -7.40 23.99
CA ASN B 173 -20.02 -6.58 25.08
C ASN B 173 -19.85 -7.37 26.39
N LEU B 174 -20.85 -8.19 26.76
CA LEU B 174 -20.83 -9.01 27.97
C LEU B 174 -19.74 -10.08 27.89
N LEU B 175 -19.53 -10.65 26.71
CA LEU B 175 -18.48 -11.63 26.52
C LEU B 175 -17.08 -11.02 26.62
N VAL B 176 -16.88 -9.81 26.07
CA VAL B 176 -15.61 -9.10 26.24
C VAL B 176 -15.40 -8.78 27.73
N GLY B 177 -16.42 -8.19 28.37
CA GLY B 177 -16.29 -7.67 29.73
C GLY B 177 -16.25 -8.75 30.80
N HIS B 178 -16.71 -9.97 30.47
CA HIS B 178 -16.93 -11.01 31.46
C HIS B 178 -16.59 -12.37 30.86
N PRO B 179 -15.29 -12.67 30.64
CA PRO B 179 -14.87 -13.92 30.00
C PRO B 179 -14.98 -15.15 30.89
N GLU B 180 -15.32 -14.98 32.16
CA GLU B 180 -15.49 -16.09 33.07
C GLU B 180 -16.70 -16.94 32.66
N HIS B 181 -17.51 -16.45 31.71
CA HIS B 181 -18.79 -17.08 31.41
C HIS B 181 -18.74 -17.86 30.09
N LYS B 182 -17.56 -17.94 29.45
CA LYS B 182 -17.44 -18.60 28.17
C LYS B 182 -17.84 -20.08 28.26
N GLY B 183 -17.39 -20.75 29.33
CA GLY B 183 -17.72 -22.15 29.60
C GLY B 183 -19.23 -22.39 29.63
N THR B 184 -19.96 -21.63 30.45
CA THR B 184 -21.39 -21.81 30.55
C THR B 184 -22.04 -21.63 29.18
N LEU B 185 -21.64 -20.55 28.49
CA LEU B 185 -22.22 -20.18 27.21
C LEU B 185 -21.94 -21.28 26.18
N CYS B 186 -20.71 -21.79 26.13
CA CYS B 186 -20.38 -22.89 25.24
C CYS B 186 -21.23 -24.12 25.58
N SER B 187 -21.42 -24.39 26.87
CA SER B 187 -22.08 -25.61 27.30
C SER B 187 -23.57 -25.52 26.96
N MET B 188 -24.04 -24.28 26.86
CA MET B 188 -25.42 -23.98 26.50
C MET B 188 -25.62 -24.08 24.98
N GLY B 189 -24.56 -24.33 24.21
CA GLY B 189 -24.70 -24.50 22.77
C GLY B 189 -24.79 -23.16 22.03
N MET B 190 -24.13 -22.14 22.58
CA MET B 190 -24.14 -20.82 21.97
C MET B 190 -23.30 -20.79 20.70
N VAL B 191 -22.22 -21.57 20.61
CA VAL B 191 -21.43 -21.56 19.38
C VAL B 191 -22.34 -21.92 18.22
N GLN B 192 -23.13 -22.99 18.41
CA GLN B 192 -24.04 -23.51 17.39
C GLN B 192 -25.09 -22.47 17.01
N GLN B 193 -25.68 -21.82 18.02
CA GLN B 193 -26.77 -20.89 17.83
C GLN B 193 -26.27 -19.61 17.15
N LEU B 194 -25.04 -19.18 17.49
CA LEU B 194 -24.43 -18.03 16.86
C LEU B 194 -24.05 -18.32 15.42
N VAL B 195 -23.51 -19.52 15.17
CA VAL B 195 -23.10 -19.88 13.82
C VAL B 195 -24.35 -19.98 12.95
N ALA B 196 -25.50 -20.35 13.51
CA ALA B 196 -26.72 -20.40 12.70
C ALA B 196 -27.10 -19.00 12.24
N LEU B 197 -26.78 -17.98 13.06
CA LEU B 197 -27.08 -16.59 12.72
C LEU B 197 -26.15 -16.10 11.61
N VAL B 198 -24.93 -16.65 11.60
CA VAL B 198 -23.95 -16.35 10.57
C VAL B 198 -24.40 -16.90 9.21
N ARG B 199 -25.22 -17.95 9.22
CA ARG B 199 -25.71 -18.57 7.99
CA ARG B 199 -25.71 -18.57 7.99
C ARG B 199 -26.76 -17.70 7.31
N THR B 200 -27.39 -16.79 8.07
CA THR B 200 -28.47 -15.97 7.53
C THR B 200 -27.89 -14.94 6.56
N GLU B 201 -28.78 -14.19 5.90
CA GLU B 201 -28.38 -13.16 4.95
C GLU B 201 -27.49 -12.15 5.65
N HIS B 202 -26.33 -11.84 5.04
CA HIS B 202 -25.44 -10.85 5.61
C HIS B 202 -26.18 -9.54 5.89
N SER B 203 -25.86 -8.95 7.05
CA SER B 203 -26.49 -7.75 7.57
C SER B 203 -25.61 -7.23 8.71
N PRO B 204 -25.91 -6.02 9.27
CA PRO B 204 -24.98 -5.42 10.25
C PRO B 204 -24.83 -6.13 11.60
N PHE B 205 -25.84 -6.90 12.03
CA PHE B 205 -25.72 -7.62 13.29
C PHE B 205 -24.67 -8.75 13.19
N HIS B 206 -24.29 -9.19 11.97
CA HIS B 206 -23.33 -10.28 11.80
C HIS B 206 -21.99 -9.94 12.46
N GLU B 207 -21.63 -8.64 12.44
CA GLU B 207 -20.35 -8.21 12.99
C GLU B 207 -20.25 -8.59 14.45
N HIS B 208 -21.36 -8.37 15.17
CA HIS B 208 -21.40 -8.55 16.61
C HIS B 208 -21.47 -10.03 16.94
N VAL B 209 -22.24 -10.78 16.13
CA VAL B 209 -22.32 -12.23 16.24
C VAL B 209 -20.93 -12.86 16.14
N LEU B 210 -20.16 -12.47 15.12
CA LEU B 210 -18.83 -13.01 14.89
C LEU B 210 -17.86 -12.47 15.94
N GLY B 211 -18.06 -11.24 16.42
CA GLY B 211 -17.26 -10.73 17.53
C GLY B 211 -17.43 -11.58 18.79
N ALA B 212 -18.68 -12.01 19.04
CA ALA B 212 -19.00 -12.83 20.19
C ALA B 212 -18.33 -14.19 20.06
N LEU B 213 -18.47 -14.82 18.89
CA LEU B 213 -17.79 -16.08 18.61
C LEU B 213 -16.29 -15.98 18.84
N CYS B 214 -15.69 -14.86 18.41
CA CYS B 214 -14.28 -14.61 18.65
C CYS B 214 -13.92 -14.67 20.12
N SER B 215 -14.75 -14.05 20.96
CA SER B 215 -14.52 -14.08 22.40
C SER B 215 -14.54 -15.52 22.91
N LEU B 216 -15.42 -16.36 22.34
CA LEU B 216 -15.66 -17.69 22.87
C LEU B 216 -14.53 -18.65 22.54
N VAL B 217 -13.74 -18.36 21.49
CA VAL B 217 -12.65 -19.25 21.09
C VAL B 217 -11.31 -18.73 21.61
N THR B 218 -11.28 -17.48 22.05
CA THR B 218 -10.03 -16.82 22.39
C THR B 218 -9.54 -17.41 23.71
N ASP B 219 -8.40 -18.13 23.64
CA ASP B 219 -7.77 -18.84 24.75
C ASP B 219 -8.75 -19.80 25.42
N PHE B 220 -9.62 -20.45 24.65
CA PHE B 220 -10.68 -21.22 25.26
C PHE B 220 -10.87 -22.51 24.48
N PRO B 221 -10.18 -23.61 24.86
CA PRO B 221 -10.23 -24.84 24.09
C PRO B 221 -11.63 -25.36 23.80
N GLN B 222 -12.58 -25.18 24.73
CA GLN B 222 -13.93 -25.71 24.53
C GLN B 222 -14.61 -25.00 23.36
N GLY B 223 -14.37 -23.70 23.25
CA GLY B 223 -14.94 -22.91 22.17
C GLY B 223 -14.39 -23.33 20.81
N VAL B 224 -13.06 -23.55 20.76
CA VAL B 224 -12.36 -24.02 19.59
C VAL B 224 -12.95 -25.37 19.18
N ARG B 225 -13.12 -26.30 20.15
CA ARG B 225 -13.62 -27.64 19.85
C ARG B 225 -15.00 -27.55 19.19
N GLU B 226 -15.89 -26.72 19.76
CA GLU B 226 -17.25 -26.57 19.27
C GLU B 226 -17.26 -25.99 17.87
N CYS B 227 -16.37 -25.01 17.63
CA CYS B 227 -16.25 -24.38 16.32
C CYS B 227 -15.80 -25.38 15.25
N ARG B 228 -14.97 -26.36 15.66
CA ARG B 228 -14.38 -27.36 14.78
C ARG B 228 -15.30 -28.58 14.54
N GLU B 229 -16.45 -28.65 15.22
CA GLU B 229 -17.38 -29.75 15.04
C GLU B 229 -17.73 -29.92 13.56
N PRO B 230 -17.52 -31.13 12.95
CA PRO B 230 -17.79 -31.35 11.54
C PRO B 230 -19.17 -30.94 11.00
N GLU B 231 -20.23 -31.12 11.81
CA GLU B 231 -21.58 -30.83 11.35
C GLU B 231 -21.83 -29.33 11.29
N LEU B 232 -21.07 -28.53 12.03
CA LEU B 232 -21.34 -27.10 12.12
C LEU B 232 -21.01 -26.41 10.78
N GLY B 233 -19.96 -26.88 10.10
CA GLY B 233 -19.59 -26.38 8.79
C GLY B 233 -19.09 -24.94 8.83
N LEU B 234 -18.43 -24.55 9.93
CA LEU B 234 -18.08 -23.16 10.16
C LEU B 234 -16.94 -22.69 9.25
N GLU B 235 -15.95 -23.56 8.94
CA GLU B 235 -14.85 -23.14 8.10
C GLU B 235 -15.34 -22.60 6.74
N GLU B 236 -16.23 -23.36 6.09
CA GLU B 236 -16.81 -23.01 4.80
C GLU B 236 -17.43 -21.62 4.94
N LEU B 237 -18.27 -21.44 5.97
CA LEU B 237 -18.98 -20.18 6.22
C LEU B 237 -17.99 -19.03 6.30
N LEU B 238 -16.94 -19.16 7.11
CA LEU B 238 -16.02 -18.06 7.37
C LEU B 238 -15.26 -17.70 6.10
N ARG B 239 -14.98 -18.68 5.22
CA ARG B 239 -14.12 -18.45 4.07
C ARG B 239 -14.95 -17.75 3.00
N HIS B 240 -16.23 -18.11 2.86
CA HIS B 240 -17.15 -17.41 1.98
C HIS B 240 -17.36 -15.97 2.46
N ARG B 241 -17.47 -15.78 3.79
CA ARG B 241 -17.67 -14.45 4.35
C ARG B 241 -16.43 -13.59 4.13
N CYS B 242 -15.22 -14.14 4.33
CA CYS B 242 -13.99 -13.41 4.04
C CYS B 242 -13.95 -12.89 2.60
N GLN B 243 -14.33 -13.73 1.64
CA GLN B 243 -14.26 -13.36 0.24
C GLN B 243 -15.29 -12.26 -0.07
N LEU B 244 -16.43 -12.32 0.62
CA LEU B 244 -17.50 -11.33 0.48
C LEU B 244 -17.11 -9.96 1.07
N LEU B 245 -16.22 -9.90 2.06
CA LEU B 245 -16.01 -8.67 2.79
C LEU B 245 -14.67 -7.99 2.50
N GLN B 246 -13.77 -8.69 1.79
CA GLN B 246 -12.33 -8.44 1.87
C GLN B 246 -11.92 -7.13 1.21
N GLN B 247 -12.66 -6.68 0.19
CA GLN B 247 -12.34 -5.48 -0.58
C GLN B 247 -13.01 -4.23 0.02
N HIS B 248 -13.85 -4.42 1.06
CA HIS B 248 -14.71 -3.36 1.58
C HIS B 248 -14.24 -2.91 2.95
N GLU B 249 -13.91 -1.61 3.01
CA GLU B 249 -13.28 -1.01 4.16
C GLU B 249 -14.27 -0.96 5.34
N GLU B 250 -15.59 -0.98 5.06
CA GLU B 250 -16.63 -0.75 6.07
C GLU B 250 -17.03 -2.01 6.83
N TYR B 251 -16.54 -3.17 6.36
CA TYR B 251 -16.73 -4.46 6.99
C TYR B 251 -15.44 -4.99 7.61
N GLN B 252 -14.42 -4.13 7.66
CA GLN B 252 -13.09 -4.53 8.10
C GLN B 252 -13.14 -5.24 9.47
N GLU B 253 -14.06 -4.82 10.36
CA GLU B 253 -14.09 -5.34 11.71
C GLU B 253 -14.68 -6.75 11.72
N GLU B 254 -15.78 -6.98 10.99
CA GLU B 254 -16.34 -8.31 10.86
C GLU B 254 -15.35 -9.24 10.15
N LEU B 255 -14.64 -8.69 9.15
CA LEU B 255 -13.64 -9.45 8.42
C LEU B 255 -12.53 -9.90 9.38
N GLU B 256 -12.09 -8.99 10.27
CA GLU B 256 -11.04 -9.30 11.23
C GLU B 256 -11.50 -10.43 12.15
N PHE B 257 -12.79 -10.43 12.55
CA PHE B 257 -13.33 -11.49 13.41
C PHE B 257 -13.31 -12.84 12.67
N CYS B 258 -13.76 -12.87 11.41
CA CYS B 258 -13.68 -14.06 10.57
C CYS B 258 -12.25 -14.59 10.47
N GLU B 259 -11.31 -13.71 10.15
CA GLU B 259 -9.91 -14.09 10.01
C GLU B 259 -9.34 -14.64 11.31
N LYS B 260 -9.67 -14.00 12.43
CA LYS B 260 -9.23 -14.48 13.74
C LYS B 260 -9.80 -15.88 14.00
N LEU B 261 -11.07 -16.11 13.65
CA LEU B 261 -11.68 -17.41 13.88
C LEU B 261 -11.01 -18.47 12.99
N LEU B 262 -10.72 -18.11 11.75
CA LEU B 262 -10.03 -19.03 10.85
C LEU B 262 -8.65 -19.38 11.41
N GLN B 263 -7.91 -18.35 11.85
CA GLN B 263 -6.58 -18.56 12.40
C GLN B 263 -6.67 -19.41 13.66
N THR B 264 -7.56 -19.04 14.58
CA THR B 264 -7.65 -19.70 15.86
C THR B 264 -8.12 -21.14 15.68
N CYS B 265 -9.07 -21.39 14.76
CA CYS B 265 -9.76 -22.67 14.75
C CYS B 265 -9.40 -23.57 13.57
N PHE B 266 -8.92 -23.03 12.44
CA PHE B 266 -8.73 -23.83 11.23
C PHE B 266 -7.35 -23.57 10.61
N SER B 267 -6.29 -23.84 11.40
CA SER B 267 -4.90 -23.59 11.05
C SER B 267 -4.70 -22.10 10.79
N ARG C 4 29.89 9.41 -50.85
CA ARG C 4 30.11 8.92 -49.46
C ARG C 4 31.57 9.14 -49.05
N GLY C 5 32.51 8.41 -49.69
CA GLY C 5 33.92 8.43 -49.31
C GLY C 5 34.30 7.35 -48.29
N GLU C 6 33.45 6.33 -48.15
CA GLU C 6 33.56 5.35 -47.06
C GLU C 6 34.39 4.14 -47.46
N VAL C 7 34.27 3.70 -48.71
CA VAL C 7 35.06 2.58 -49.22
C VAL C 7 36.53 2.96 -49.24
N GLU C 8 36.81 4.23 -49.58
CA GLU C 8 38.19 4.70 -49.67
C GLU C 8 38.77 4.84 -48.27
N GLN C 9 38.03 5.41 -47.33
CA GLN C 9 38.49 5.49 -45.96
C GLN C 9 38.83 4.07 -45.49
N MET C 10 37.93 3.12 -45.73
CA MET C 10 38.12 1.79 -45.18
C MET C 10 39.41 1.19 -45.76
N LYS C 11 39.61 1.36 -47.06
CA LYS C 11 40.76 0.80 -47.75
C LYS C 11 42.06 1.50 -47.33
N SER C 12 42.00 2.82 -47.10
CA SER C 12 43.13 3.59 -46.64
C SER C 12 43.54 3.18 -45.23
N CYS C 13 42.55 2.94 -44.37
CA CYS C 13 42.81 2.51 -43.02
C CYS C 13 43.45 1.11 -43.04
N LEU C 14 42.91 0.17 -43.82
CA LEU C 14 43.49 -1.17 -43.91
C LEU C 14 44.94 -1.07 -44.42
N ARG C 15 45.25 -0.10 -45.29
CA ARG C 15 46.61 0.05 -45.79
C ARG C 15 47.55 0.49 -44.68
N VAL C 16 47.13 1.44 -43.85
CA VAL C 16 47.90 1.84 -42.68
C VAL C 16 48.17 0.63 -41.78
N LEU C 17 47.12 -0.15 -41.48
CA LEU C 17 47.20 -1.22 -40.52
C LEU C 17 47.99 -2.40 -41.09
N SER C 18 48.03 -2.53 -42.43
CA SER C 18 48.71 -3.63 -43.09
C SER C 18 50.21 -3.40 -43.14
N GLN C 19 50.66 -2.15 -42.99
CA GLN C 19 52.09 -1.85 -42.99
C GLN C 19 52.79 -2.65 -41.90
N PRO C 20 54.04 -3.09 -42.16
CA PRO C 20 54.88 -3.68 -41.11
C PRO C 20 55.20 -2.63 -40.04
N MET C 21 55.32 -3.11 -38.79
CA MET C 21 55.81 -2.28 -37.71
C MET C 21 57.16 -1.74 -38.19
N PRO C 22 57.49 -0.43 -37.95
CA PRO C 22 58.70 0.17 -38.50
C PRO C 22 59.98 -0.49 -37.95
N PRO C 23 61.04 -0.66 -38.77
CA PRO C 23 62.14 -1.57 -38.42
C PRO C 23 63.08 -1.02 -37.34
N THR C 24 64.11 -0.27 -37.77
CA THR C 24 64.79 0.69 -36.92
C THR C 24 63.83 1.84 -36.65
N ALA C 25 63.48 2.04 -35.37
CA ALA C 25 62.62 3.16 -35.01
C ALA C 25 63.06 3.77 -33.68
N GLY C 26 63.18 5.11 -33.68
CA GLY C 26 63.28 5.88 -32.45
C GLY C 26 61.90 6.10 -31.82
N GLU C 27 61.87 6.73 -30.64
CA GLU C 27 60.66 6.85 -29.84
C GLU C 27 59.59 7.67 -30.55
N ALA C 28 60.04 8.74 -31.23
CA ALA C 28 59.10 9.63 -31.89
C ALA C 28 58.47 8.91 -33.08
N GLU C 29 59.27 8.13 -33.83
CA GLU C 29 58.77 7.36 -34.96
C GLU C 29 57.77 6.32 -34.46
N GLN C 30 58.14 5.58 -33.40
CA GLN C 30 57.31 4.53 -32.83
C GLN C 30 55.97 5.08 -32.34
N ALA C 31 56.02 6.25 -31.66
CA ALA C 31 54.82 6.87 -31.12
C ALA C 31 53.89 7.38 -32.23
N ALA C 32 54.48 8.02 -33.26
CA ALA C 32 53.72 8.49 -34.41
C ALA C 32 53.06 7.30 -35.12
N ASP C 33 53.82 6.23 -35.36
CA ASP C 33 53.33 5.03 -36.00
C ASP C 33 52.15 4.42 -35.23
N GLN C 34 52.24 4.36 -33.89
CA GLN C 34 51.17 3.82 -33.07
C GLN C 34 49.90 4.68 -33.20
N GLN C 35 50.05 6.02 -33.13
CA GLN C 35 48.89 6.90 -33.20
C GLN C 35 48.21 6.81 -34.57
N GLU C 36 48.95 6.63 -35.66
CA GLU C 36 48.38 6.46 -36.99
C GLU C 36 47.56 5.17 -37.03
N ARG C 37 48.04 4.08 -36.42
CA ARG C 37 47.30 2.82 -36.41
C ARG C 37 46.07 2.91 -35.49
N GLU C 38 46.23 3.58 -34.34
CA GLU C 38 45.09 3.86 -33.46
C GLU C 38 44.02 4.64 -34.22
N GLY C 39 44.43 5.70 -34.93
CA GLY C 39 43.49 6.50 -35.70
C GLY C 39 42.76 5.69 -36.76
N ALA C 40 43.49 4.80 -37.45
CA ALA C 40 42.91 3.92 -38.45
C ALA C 40 41.80 3.05 -37.85
N LEU C 41 42.10 2.40 -36.71
CA LEU C 41 41.13 1.58 -36.01
C LEU C 41 39.91 2.39 -35.59
N GLU C 42 40.12 3.62 -35.10
CA GLU C 42 38.99 4.48 -34.72
C GLU C 42 38.12 4.83 -35.93
N LEU C 43 38.74 5.24 -37.04
CA LEU C 43 38.00 5.55 -38.26
C LEU C 43 37.23 4.33 -38.75
N LEU C 44 37.85 3.14 -38.67
CA LEU C 44 37.16 1.91 -39.04
C LEU C 44 35.96 1.64 -38.14
N ALA C 45 36.10 1.91 -36.83
CA ALA C 45 35.02 1.70 -35.86
C ALA C 45 33.80 2.55 -36.21
N ASP C 46 34.01 3.85 -36.49
CA ASP C 46 32.97 4.74 -36.98
C ASP C 46 32.24 4.13 -38.18
N LEU C 47 33.01 3.71 -39.21
CA LEU C 47 32.43 3.12 -40.41
C LEU C 47 31.62 1.88 -40.01
N CYS C 48 32.16 1.08 -39.08
CA CYS C 48 31.67 -0.28 -38.90
C CYS C 48 30.47 -0.35 -37.95
N GLU C 49 30.00 0.80 -37.41
CA GLU C 49 28.71 0.87 -36.74
C GLU C 49 27.56 0.55 -37.71
N ASN C 50 27.75 0.87 -38.99
CA ASN C 50 26.86 0.44 -40.05
C ASN C 50 27.15 -1.03 -40.42
N MET C 51 26.10 -1.84 -40.52
CA MET C 51 26.23 -3.29 -40.67
C MET C 51 26.80 -3.67 -42.03
N ASP C 52 26.61 -2.81 -43.04
CA ASP C 52 27.06 -3.10 -44.41
C ASP C 52 28.55 -2.82 -44.54
N ASN C 53 28.99 -1.69 -43.95
CA ASN C 53 30.41 -1.38 -43.79
C ASN C 53 31.10 -2.55 -43.08
N ALA C 54 30.50 -2.99 -41.97
CA ALA C 54 31.02 -4.10 -41.18
C ALA C 54 31.24 -5.32 -42.07
N ALA C 55 30.25 -5.67 -42.90
CA ALA C 55 30.35 -6.81 -43.81
C ALA C 55 31.40 -6.58 -44.88
N ASP C 56 31.46 -5.35 -45.43
CA ASP C 56 32.49 -5.00 -46.40
C ASP C 56 33.87 -5.12 -45.78
N PHE C 57 34.02 -4.67 -44.52
CA PHE C 57 35.25 -4.83 -43.78
C PHE C 57 35.72 -6.28 -43.74
N CYS C 58 34.80 -7.20 -43.46
CA CYS C 58 35.10 -8.63 -43.37
C CYS C 58 35.45 -9.20 -44.74
N GLN C 59 34.73 -8.72 -45.75
CA GLN C 59 34.96 -9.12 -47.14
C GLN C 59 36.37 -8.69 -47.53
N LEU C 60 36.88 -7.60 -46.93
CA LEU C 60 38.23 -7.11 -47.23
C LEU C 60 39.30 -7.75 -46.33
N SER C 61 38.94 -8.82 -45.61
CA SER C 61 39.85 -9.56 -44.76
C SER C 61 40.36 -8.71 -43.60
N GLY C 62 39.59 -7.71 -43.15
CA GLY C 62 39.95 -6.94 -41.98
C GLY C 62 39.98 -7.79 -40.70
N MET C 63 39.04 -8.74 -40.55
CA MET C 63 39.01 -9.56 -39.34
C MET C 63 40.24 -10.46 -39.29
N HIS C 64 40.74 -10.88 -40.45
CA HIS C 64 41.98 -11.65 -40.53
C HIS C 64 43.14 -10.85 -39.95
N LEU C 65 43.20 -9.56 -40.26
CA LEU C 65 44.25 -8.65 -39.81
C LEU C 65 44.13 -8.35 -38.31
N LEU C 66 42.92 -8.08 -37.83
CA LEU C 66 42.71 -7.78 -36.42
C LEU C 66 43.02 -8.99 -35.58
N VAL C 67 42.46 -10.15 -35.95
CA VAL C 67 42.64 -11.34 -35.11
C VAL C 67 44.08 -11.81 -35.17
N GLY C 68 44.63 -11.86 -36.39
CA GLY C 68 46.01 -12.27 -36.66
C GLY C 68 47.11 -11.38 -36.07
N ARG C 69 46.95 -10.06 -36.08
CA ARG C 69 48.04 -9.17 -35.71
C ARG C 69 47.71 -8.28 -34.51
N TYR C 70 46.50 -7.73 -34.40
CA TYR C 70 46.27 -6.58 -33.52
C TYR C 70 45.84 -6.97 -32.10
N LEU C 71 45.17 -8.11 -31.91
CA LEU C 71 44.84 -8.58 -30.57
C LEU C 71 46.09 -8.91 -29.75
N GLU C 72 47.21 -9.23 -30.40
CA GLU C 72 48.46 -9.50 -29.71
C GLU C 72 49.51 -8.43 -29.99
N ALA C 73 49.08 -7.25 -30.43
CA ALA C 73 50.00 -6.15 -30.63
C ALA C 73 50.65 -5.78 -29.29
N GLY C 74 51.89 -5.30 -29.39
CA GLY C 74 52.65 -4.78 -28.25
C GLY C 74 51.90 -3.72 -27.44
N ALA C 75 51.22 -2.79 -28.12
CA ALA C 75 50.65 -1.61 -27.48
C ALA C 75 49.22 -1.90 -27.05
N ALA C 76 48.90 -1.59 -25.77
CA ALA C 76 47.56 -1.78 -25.24
C ALA C 76 46.54 -1.03 -26.09
N GLY C 77 46.90 0.18 -26.58
CA GLY C 77 45.97 1.04 -27.31
C GLY C 77 45.46 0.40 -28.60
N LEU C 78 46.33 -0.41 -29.23
CA LEU C 78 45.97 -1.17 -30.42
C LEU C 78 45.12 -2.37 -30.04
N ARG C 79 45.52 -3.10 -28.99
CA ARG C 79 44.79 -4.29 -28.59
C ARG C 79 43.32 -3.95 -28.27
N TRP C 80 43.09 -2.86 -27.52
CA TRP C 80 41.76 -2.61 -27.03
C TRP C 80 40.90 -2.06 -28.16
N ARG C 81 41.49 -1.24 -29.03
CA ARG C 81 40.78 -0.75 -30.20
C ARG C 81 40.48 -1.90 -31.17
N ALA C 82 41.39 -2.88 -31.30
CA ALA C 82 41.15 -4.06 -32.12
C ALA C 82 39.99 -4.88 -31.57
N ALA C 83 40.03 -5.20 -30.26
CA ALA C 83 38.96 -5.93 -29.60
C ALA C 83 37.61 -5.22 -29.78
N GLN C 84 37.60 -3.89 -29.58
CA GLN C 84 36.39 -3.09 -29.70
C GLN C 84 35.77 -3.19 -31.09
N LEU C 85 36.63 -3.10 -32.10
CA LEU C 85 36.22 -3.12 -33.50
C LEU C 85 35.62 -4.48 -33.86
N ILE C 86 36.22 -5.55 -33.36
CA ILE C 86 35.65 -6.89 -33.51
C ILE C 86 34.24 -6.94 -32.93
N GLY C 87 34.06 -6.45 -31.72
CA GLY C 87 32.74 -6.39 -31.09
C GLY C 87 31.73 -5.56 -31.89
N THR C 88 32.14 -4.36 -32.35
CA THR C 88 31.27 -3.48 -33.12
C THR C 88 30.76 -4.20 -34.35
N CYS C 89 31.69 -4.79 -35.12
CA CYS C 89 31.30 -5.46 -36.36
C CYS C 89 30.39 -6.66 -36.09
N SER C 90 30.72 -7.44 -35.06
CA SER C 90 30.11 -8.74 -34.83
C SER C 90 28.75 -8.59 -34.14
N GLN C 91 28.57 -7.51 -33.38
CA GLN C 91 27.51 -7.43 -32.40
C GLN C 91 26.16 -7.78 -33.04
N ASN C 92 25.86 -7.20 -34.20
CA ASN C 92 24.51 -7.30 -34.72
C ASN C 92 24.41 -8.29 -35.89
N VAL C 93 25.52 -8.90 -36.33
CA VAL C 93 25.50 -9.70 -37.55
C VAL C 93 25.98 -11.13 -37.26
N ALA C 94 25.05 -12.09 -37.40
CA ALA C 94 25.32 -13.50 -37.13
C ALA C 94 26.44 -14.02 -38.04
N ALA C 95 26.42 -13.65 -39.31
CA ALA C 95 27.43 -14.08 -40.28
C ALA C 95 28.85 -13.67 -39.85
N ILE C 96 28.99 -12.46 -39.27
CA ILE C 96 30.29 -11.92 -38.90
C ILE C 96 30.79 -12.61 -37.62
N GLN C 97 29.85 -12.86 -36.69
CA GLN C 97 30.13 -13.64 -35.48
C GLN C 97 30.75 -14.98 -35.86
N GLU C 98 30.15 -15.67 -36.84
CA GLU C 98 30.63 -17.00 -37.22
C GLU C 98 32.01 -16.88 -37.85
N GLN C 99 32.20 -15.88 -38.72
CA GLN C 99 33.48 -15.69 -39.39
C GLN C 99 34.58 -15.44 -38.35
N VAL C 100 34.32 -14.55 -37.39
CA VAL C 100 35.28 -14.16 -36.36
C VAL C 100 35.62 -15.34 -35.47
N LEU C 101 34.62 -16.14 -35.07
CA LEU C 101 34.84 -17.36 -34.32
C LEU C 101 35.75 -18.32 -35.09
N GLY C 102 35.51 -18.50 -36.39
CA GLY C 102 36.29 -19.44 -37.20
C GLY C 102 37.75 -19.01 -37.38
N LEU C 103 38.07 -17.74 -37.02
CA LEU C 103 39.40 -17.17 -37.15
C LEU C 103 40.17 -17.28 -35.84
N GLY C 104 39.60 -17.98 -34.85
CA GLY C 104 40.31 -18.22 -33.60
C GLY C 104 40.36 -17.01 -32.68
N ALA C 105 39.40 -16.08 -32.82
CA ALA C 105 39.29 -14.87 -32.01
C ALA C 105 39.07 -15.15 -30.53
N LEU C 106 38.22 -16.13 -30.18
CA LEU C 106 37.81 -16.36 -28.78
C LEU C 106 38.99 -16.70 -27.87
N ARG C 107 39.89 -17.60 -28.29
CA ARG C 107 41.06 -17.97 -27.50
C ARG C 107 41.93 -16.75 -27.20
N LYS C 108 42.13 -15.87 -28.20
CA LYS C 108 42.92 -14.66 -28.05
C LYS C 108 42.21 -13.67 -27.13
N LEU C 109 40.89 -13.49 -27.31
CA LEU C 109 40.11 -12.56 -26.50
C LEU C 109 40.07 -12.99 -25.04
N LEU C 110 39.85 -14.29 -24.80
CA LEU C 110 39.84 -14.81 -23.43
C LEU C 110 41.19 -14.57 -22.76
N ARG C 111 42.28 -14.78 -23.51
CA ARG C 111 43.61 -14.56 -22.97
C ARG C 111 43.76 -13.08 -22.59
N LEU C 112 43.28 -12.15 -23.43
CA LEU C 112 43.36 -10.73 -23.08
C LEU C 112 42.53 -10.43 -21.82
N LEU C 113 41.29 -10.92 -21.81
CA LEU C 113 40.41 -10.72 -20.68
C LEU C 113 41.05 -11.22 -19.38
N ASP C 114 41.75 -12.35 -19.45
CA ASP C 114 42.23 -13.01 -18.25
C ASP C 114 43.57 -12.43 -17.80
N ARG C 115 44.40 -11.92 -18.71
CA ARG C 115 45.82 -11.74 -18.38
C ARG C 115 46.31 -10.31 -18.61
N ASP C 116 45.58 -9.48 -19.34
CA ASP C 116 46.18 -8.27 -19.87
C ASP C 116 46.42 -7.25 -18.75
N ALA C 117 47.56 -6.56 -18.82
CA ALA C 117 47.95 -5.55 -17.85
C ALA C 117 47.00 -4.35 -17.87
N CYS C 118 46.42 -4.06 -19.04
CA CYS C 118 45.60 -2.89 -19.23
C CYS C 118 44.13 -3.27 -19.03
N ASP C 119 43.42 -2.50 -18.20
CA ASP C 119 42.02 -2.76 -17.85
C ASP C 119 41.08 -2.52 -19.03
N THR C 120 41.39 -1.51 -19.86
CA THR C 120 40.59 -1.14 -21.03
C THR C 120 40.62 -2.30 -22.03
N VAL C 121 41.79 -2.93 -22.22
CA VAL C 121 41.89 -4.10 -23.08
C VAL C 121 40.94 -5.20 -22.55
N ARG C 122 40.98 -5.45 -21.23
CA ARG C 122 40.15 -6.49 -20.66
C ARG C 122 38.67 -6.22 -20.94
N VAL C 123 38.26 -4.96 -20.73
CA VAL C 123 36.87 -4.56 -20.86
C VAL C 123 36.41 -4.73 -22.31
N LYS C 124 37.22 -4.28 -23.27
CA LYS C 124 36.89 -4.39 -24.69
C LYS C 124 36.92 -5.84 -25.15
N ALA C 125 37.88 -6.62 -24.63
CA ALA C 125 37.89 -8.06 -24.89
C ALA C 125 36.57 -8.66 -24.46
N LEU C 126 36.10 -8.27 -23.27
CA LEU C 126 34.88 -8.84 -22.70
C LEU C 126 33.70 -8.43 -23.57
N PHE C 127 33.75 -7.18 -24.04
CA PHE C 127 32.74 -6.69 -24.97
C PHE C 127 32.71 -7.60 -26.20
N ALA C 128 33.90 -7.78 -26.81
CA ALA C 128 34.01 -8.59 -28.03
C ALA C 128 33.48 -10.00 -27.74
N ILE C 129 33.89 -10.61 -26.61
CA ILE C 129 33.48 -11.97 -26.25
C ILE C 129 31.95 -12.05 -26.15
N SER C 130 31.36 -11.08 -25.43
CA SER C 130 29.92 -10.99 -25.28
C SER C 130 29.21 -10.99 -26.62
N CYS C 131 29.72 -10.25 -27.61
CA CYS C 131 29.13 -10.19 -28.96
C CYS C 131 29.20 -11.53 -29.70
N LEU C 132 30.24 -12.33 -29.42
CA LEU C 132 30.49 -13.57 -30.13
C LEU C 132 29.74 -14.77 -29.55
N VAL C 133 29.39 -14.72 -28.26
CA VAL C 133 29.02 -15.92 -27.52
C VAL C 133 27.54 -15.92 -27.11
N ARG C 134 26.93 -14.74 -27.05
CA ARG C 134 25.58 -14.61 -26.53
C ARG C 134 24.54 -15.20 -27.49
N GLU C 135 24.62 -14.86 -28.79
CA GLU C 135 23.62 -15.27 -29.76
C GLU C 135 24.10 -16.45 -30.60
N GLN C 136 25.21 -17.10 -30.18
CA GLN C 136 25.91 -18.09 -30.97
C GLN C 136 26.06 -19.37 -30.16
N GLU C 137 25.36 -20.44 -30.57
CA GLU C 137 25.44 -21.70 -29.85
C GLU C 137 26.85 -22.30 -29.98
N ALA C 138 27.43 -22.18 -31.19
CA ALA C 138 28.77 -22.71 -31.46
C ALA C 138 29.84 -21.91 -30.69
N GLY C 139 29.68 -20.58 -30.63
CA GLY C 139 30.60 -19.70 -29.90
C GLY C 139 30.59 -19.97 -28.41
N LEU C 140 29.39 -20.21 -27.87
CA LEU C 140 29.27 -20.55 -26.45
C LEU C 140 29.90 -21.92 -26.16
N LEU C 141 29.66 -22.91 -27.03
CA LEU C 141 30.28 -24.23 -26.86
C LEU C 141 31.80 -24.07 -26.76
N GLN C 142 32.38 -23.32 -27.70
CA GLN C 142 33.82 -23.05 -27.74
C GLN C 142 34.27 -22.23 -26.52
N PHE C 143 33.44 -21.28 -26.09
CA PHE C 143 33.71 -20.55 -24.86
C PHE C 143 33.90 -21.51 -23.68
N LEU C 144 32.94 -22.42 -23.50
CA LEU C 144 32.98 -23.52 -22.51
C LEU C 144 34.26 -24.33 -22.65
N ARG C 145 34.52 -24.83 -23.87
CA ARG C 145 35.70 -25.64 -24.11
C ARG C 145 36.96 -24.83 -23.79
N LEU C 146 36.92 -23.49 -23.88
CA LEU C 146 38.10 -22.67 -23.63
C LEU C 146 38.21 -22.23 -22.17
N ASP C 147 37.28 -22.71 -21.32
CA ASP C 147 37.29 -22.45 -19.89
C ASP C 147 36.94 -20.97 -19.62
N GLY C 148 35.99 -20.47 -20.41
CA GLY C 148 35.64 -19.07 -20.37
C GLY C 148 34.88 -18.68 -19.10
N PHE C 149 34.14 -19.64 -18.52
CA PHE C 149 33.38 -19.37 -17.31
C PHE C 149 34.30 -19.17 -16.12
N SER C 150 35.43 -19.88 -16.07
CA SER C 150 36.46 -19.64 -15.07
C SER C 150 37.14 -18.28 -15.28
N VAL C 151 37.34 -17.87 -16.55
CA VAL C 151 37.88 -16.55 -16.85
C VAL C 151 36.94 -15.47 -16.32
N LEU C 152 35.64 -15.58 -16.62
CA LEU C 152 34.64 -14.66 -16.09
C LEU C 152 34.66 -14.62 -14.57
N MET C 153 34.78 -15.79 -13.94
CA MET C 153 34.82 -15.92 -12.49
C MET C 153 36.02 -15.15 -11.96
N ARG C 154 37.23 -15.35 -12.51
CA ARG C 154 38.38 -14.58 -12.04
C ARG C 154 38.17 -13.08 -12.27
N ALA C 155 37.46 -12.69 -13.33
CA ALA C 155 37.15 -11.28 -13.57
C ALA C 155 36.23 -10.70 -12.49
N MET C 156 35.30 -11.52 -11.98
CA MET C 156 34.41 -11.14 -10.90
C MET C 156 35.16 -11.14 -9.56
N GLN C 157 36.27 -11.87 -9.47
CA GLN C 157 37.05 -12.00 -8.25
C GLN C 157 38.09 -10.89 -8.11
N GLN C 158 38.52 -10.24 -9.21
CA GLN C 158 39.55 -9.21 -9.15
C GLN C 158 38.91 -7.86 -8.79
N GLN C 159 39.74 -6.82 -8.76
CA GLN C 159 39.46 -5.64 -7.95
C GLN C 159 38.65 -4.58 -8.72
N VAL C 160 38.77 -4.50 -10.06
CA VAL C 160 38.27 -3.36 -10.81
C VAL C 160 36.78 -3.53 -11.03
N GLN C 161 35.97 -2.59 -10.52
CA GLN C 161 34.54 -2.80 -10.35
C GLN C 161 33.84 -2.89 -11.70
N LYS C 162 34.31 -2.12 -12.68
CA LYS C 162 33.67 -2.06 -13.99
C LYS C 162 33.68 -3.47 -14.63
N LEU C 163 34.83 -4.15 -14.52
CA LEU C 163 35.01 -5.47 -15.10
C LEU C 163 34.21 -6.50 -14.30
N LYS C 164 34.19 -6.40 -12.96
CA LYS C 164 33.39 -7.29 -12.14
C LYS C 164 31.92 -7.24 -12.55
N VAL C 165 31.39 -6.02 -12.73
CA VAL C 165 29.95 -5.88 -12.99
C VAL C 165 29.64 -6.46 -14.37
N LYS C 166 30.50 -6.17 -15.35
CA LYS C 166 30.25 -6.53 -16.74
C LYS C 166 30.40 -8.04 -16.95
N SER C 167 31.40 -8.64 -16.31
CA SER C 167 31.56 -10.09 -16.27
C SER C 167 30.36 -10.78 -15.64
N ALA C 168 29.92 -10.30 -14.46
CA ALA C 168 28.81 -10.91 -13.74
C ALA C 168 27.54 -10.79 -14.58
N PHE C 169 27.42 -9.66 -15.29
CA PHE C 169 26.27 -9.38 -16.15
C PHE C 169 26.27 -10.41 -17.28
N LEU C 170 27.45 -10.70 -17.84
CA LEU C 170 27.53 -11.65 -18.93
C LEU C 170 27.19 -13.06 -18.43
N LEU C 171 27.74 -13.47 -17.28
CA LEU C 171 27.44 -14.80 -16.74
C LEU C 171 25.94 -14.96 -16.55
N GLN C 172 25.28 -13.94 -15.98
CA GLN C 172 23.84 -14.00 -15.70
C GLN C 172 23.09 -14.18 -17.01
N ASN C 173 23.45 -13.38 -18.02
CA ASN C 173 22.80 -13.41 -19.34
C ASN C 173 22.94 -14.78 -20.03
N LEU C 174 24.13 -15.40 -19.98
CA LEU C 174 24.40 -16.71 -20.58
C LEU C 174 23.62 -17.82 -19.89
N LEU C 175 23.49 -17.71 -18.56
CA LEU C 175 22.69 -18.68 -17.80
C LEU C 175 21.19 -18.58 -18.12
N VAL C 176 20.66 -17.35 -18.28
CA VAL C 176 19.28 -17.17 -18.70
C VAL C 176 19.11 -17.74 -20.12
N GLY C 177 19.99 -17.35 -21.05
CA GLY C 177 19.83 -17.66 -22.46
C GLY C 177 20.12 -19.13 -22.80
N HIS C 178 20.84 -19.83 -21.91
CA HIS C 178 21.39 -21.14 -22.23
C HIS C 178 21.36 -22.02 -20.98
N PRO C 179 20.17 -22.48 -20.53
CA PRO C 179 20.05 -23.26 -19.31
C PRO C 179 20.52 -24.71 -19.44
N GLU C 180 20.88 -25.14 -20.65
CA GLU C 180 21.37 -26.51 -20.81
C GLU C 180 22.76 -26.65 -20.16
N HIS C 181 23.34 -25.56 -19.67
CA HIS C 181 24.71 -25.59 -19.16
C HIS C 181 24.77 -25.55 -17.63
N LYS C 182 23.60 -25.61 -16.97
CA LYS C 182 23.55 -25.50 -15.52
C LYS C 182 24.32 -26.64 -14.84
N GLY C 183 24.13 -27.87 -15.37
CA GLY C 183 24.82 -29.06 -14.89
C GLY C 183 26.34 -28.88 -14.89
N THR C 184 26.92 -28.50 -16.05
CA THR C 184 28.36 -28.33 -16.14
C THR C 184 28.83 -27.31 -15.11
N LEU C 185 28.12 -26.18 -15.06
CA LEU C 185 28.48 -25.06 -14.20
C LEU C 185 28.41 -25.48 -12.74
N CYS C 186 27.36 -26.18 -12.34
CA CYS C 186 27.25 -26.69 -10.99
C CYS C 186 28.40 -27.66 -10.69
N SER C 187 28.76 -28.51 -11.67
CA SER C 187 29.74 -29.56 -11.43
C SER C 187 31.12 -28.92 -11.29
N MET C 188 31.26 -27.75 -11.89
CA MET C 188 32.48 -26.95 -11.84
C MET C 188 32.58 -26.20 -10.51
N GLY C 189 31.57 -26.27 -9.65
CA GLY C 189 31.64 -25.62 -8.35
C GLY C 189 31.35 -24.14 -8.43
N MET C 190 30.50 -23.75 -9.38
CA MET C 190 30.13 -22.35 -9.55
C MET C 190 29.22 -21.89 -8.42
N VAL C 191 28.37 -22.75 -7.86
CA VAL C 191 27.51 -22.29 -6.77
C VAL C 191 28.40 -21.75 -5.66
N GLN C 192 29.45 -22.52 -5.32
CA GLN C 192 30.37 -22.17 -4.24
C GLN C 192 31.09 -20.86 -4.54
N GLN C 193 31.58 -20.73 -5.78
CA GLN C 193 32.38 -19.58 -6.18
C GLN C 193 31.52 -18.31 -6.25
N LEU C 194 30.26 -18.46 -6.66
CA LEU C 194 29.32 -17.35 -6.69
C LEU C 194 28.91 -16.93 -5.29
N VAL C 195 28.67 -17.90 -4.41
CA VAL C 195 28.27 -17.60 -3.05
C VAL C 195 29.44 -16.91 -2.34
N ALA C 196 30.68 -17.21 -2.71
CA ALA C 196 31.81 -16.52 -2.09
C ALA C 196 31.80 -15.05 -2.45
N LEU C 197 31.29 -14.73 -3.65
CA LEU C 197 31.21 -13.35 -4.11
C LEU C 197 30.12 -12.60 -3.36
N VAL C 198 29.06 -13.35 -2.97
CA VAL C 198 27.97 -12.80 -2.20
C VAL C 198 28.45 -12.43 -0.79
N ARG C 199 29.50 -13.10 -0.29
CA ARG C 199 30.04 -12.83 1.04
CA ARG C 199 30.04 -12.83 1.04
C ARG C 199 30.79 -11.50 1.08
N THR C 200 31.24 -11.01 -0.08
CA THR C 200 32.03 -9.78 -0.12
C THR C 200 31.14 -8.58 0.22
N GLU C 201 31.76 -7.41 0.32
CA GLU C 201 31.05 -6.17 0.63
C GLU C 201 29.99 -5.92 -0.44
N HIS C 202 28.77 -5.64 0.00
CA HIS C 202 27.69 -5.36 -0.94
C HIS C 202 28.09 -4.25 -1.93
N SER C 203 27.71 -4.46 -3.19
CA SER C 203 28.07 -3.61 -4.30
C SER C 203 27.18 -3.97 -5.49
N PRO C 204 27.20 -3.21 -6.61
CA PRO C 204 26.26 -3.46 -7.71
C PRO C 204 26.37 -4.80 -8.46
N PHE C 205 27.57 -5.41 -8.48
CA PHE C 205 27.72 -6.68 -9.17
C PHE C 205 26.98 -7.81 -8.44
N HIS C 206 26.63 -7.63 -7.14
CA HIS C 206 25.95 -8.67 -6.35
C HIS C 206 24.63 -9.07 -6.99
N GLU C 207 23.96 -8.09 -7.63
CA GLU C 207 22.66 -8.34 -8.23
C GLU C 207 22.76 -9.45 -9.27
N HIS C 208 23.82 -9.37 -10.08
CA HIS C 208 24.02 -10.26 -11.21
C HIS C 208 24.47 -11.61 -10.71
N VAL C 209 25.35 -11.61 -9.69
CA VAL C 209 25.81 -12.82 -9.03
C VAL C 209 24.61 -13.64 -8.51
N LEU C 210 23.70 -12.98 -7.79
CA LEU C 210 22.52 -13.62 -7.22
C LEU C 210 21.53 -13.98 -8.32
N GLY C 211 21.45 -13.18 -9.39
CA GLY C 211 20.63 -13.56 -10.54
C GLY C 211 21.11 -14.86 -11.18
N ALA C 212 22.44 -15.02 -11.24
CA ALA C 212 23.05 -16.21 -11.83
C ALA C 212 22.72 -17.42 -10.97
N LEU C 213 22.92 -17.29 -9.64
CA LEU C 213 22.55 -18.34 -8.70
C LEU C 213 21.09 -18.76 -8.87
N CYS C 214 20.22 -17.77 -9.03
CA CYS C 214 18.81 -18.04 -9.27
C CYS C 214 18.60 -18.95 -10.46
N SER C 215 19.31 -18.67 -11.56
CA SER C 215 19.19 -19.51 -12.75
C SER C 215 19.60 -20.94 -12.44
N LEU C 216 20.63 -21.11 -11.58
CA LEU C 216 21.22 -22.41 -11.34
C LEU C 216 20.34 -23.30 -10.49
N VAL C 217 19.43 -22.72 -9.69
CA VAL C 217 18.57 -23.51 -8.82
C VAL C 217 17.19 -23.69 -9.42
N THR C 218 16.88 -22.90 -10.44
CA THR C 218 15.55 -22.88 -11.00
C THR C 218 15.32 -24.17 -11.77
N ASP C 219 14.40 -25.02 -11.24
CA ASP C 219 14.05 -26.32 -11.77
C ASP C 219 15.27 -27.22 -11.91
N PHE C 220 16.22 -27.12 -10.97
CA PHE C 220 17.49 -27.80 -11.17
C PHE C 220 17.94 -28.40 -9.84
N PRO C 221 17.57 -29.66 -9.55
CA PRO C 221 17.88 -30.28 -8.25
C PRO C 221 19.35 -30.17 -7.83
N GLN C 222 20.28 -30.26 -8.78
CA GLN C 222 21.70 -30.25 -8.43
C GLN C 222 22.09 -28.89 -7.86
N GLY C 223 21.52 -27.83 -8.43
CA GLY C 223 21.78 -26.47 -7.97
C GLY C 223 21.26 -26.25 -6.55
N VAL C 224 20.03 -26.74 -6.30
CA VAL C 224 19.39 -26.71 -5.00
C VAL C 224 20.28 -27.44 -3.99
N ARG C 225 20.75 -28.65 -4.35
CA ARG C 225 21.54 -29.47 -3.44
C ARG C 225 22.80 -28.70 -3.01
N GLU C 226 23.48 -28.10 -4.00
CA GLU C 226 24.73 -27.39 -3.77
C GLU C 226 24.48 -26.17 -2.87
N CYS C 227 23.37 -25.47 -3.11
CA CYS C 227 23.00 -24.30 -2.33
C CYS C 227 22.74 -24.67 -0.87
N ARG C 228 22.21 -25.89 -0.64
CA ARG C 228 21.84 -26.38 0.68
C ARG C 228 23.01 -27.02 1.46
N GLU C 229 24.19 -27.15 0.83
CA GLU C 229 25.35 -27.74 1.49
C GLU C 229 25.63 -27.02 2.81
N PRO C 230 25.70 -27.72 3.97
CA PRO C 230 25.89 -27.08 5.27
C PRO C 230 27.08 -26.14 5.42
N GLU C 231 28.20 -26.45 4.76
CA GLU C 231 29.41 -25.64 4.87
C GLU C 231 29.27 -24.31 4.13
N LEU C 232 28.39 -24.23 3.15
CA LEU C 232 28.29 -23.05 2.30
C LEU C 232 27.71 -21.87 3.10
N GLY C 233 26.77 -22.16 4.01
CA GLY C 233 26.20 -21.15 4.88
C GLY C 233 25.36 -20.12 4.11
N LEU C 234 24.70 -20.54 3.03
CA LEU C 234 24.01 -19.63 2.14
C LEU C 234 22.73 -19.08 2.76
N GLU C 235 21.99 -19.87 3.55
CA GLU C 235 20.74 -19.35 4.13
C GLU C 235 20.98 -18.08 4.96
N GLU C 236 21.99 -18.15 5.85
CA GLU C 236 22.36 -17.03 6.71
C GLU C 236 22.62 -15.81 5.81
N LEU C 237 23.46 -16.00 4.79
CA LEU C 237 23.83 -14.94 3.86
C LEU C 237 22.59 -14.28 3.25
N LEU C 238 21.67 -15.09 2.72
CA LEU C 238 20.53 -14.55 2.01
C LEU C 238 19.62 -13.77 2.95
N ARG C 239 19.52 -14.18 4.21
CA ARG C 239 18.56 -13.61 5.13
C ARG C 239 19.11 -12.27 5.62
N HIS C 240 20.42 -12.18 5.83
CA HIS C 240 21.08 -10.91 6.15
C HIS C 240 20.95 -9.94 4.97
N ARG C 241 21.11 -10.45 3.74
CA ARG C 241 21.01 -9.60 2.55
C ARG C 241 19.57 -9.10 2.40
N CYS C 242 18.56 -9.95 2.59
CA CYS C 242 17.16 -9.52 2.55
C CYS C 242 16.90 -8.36 3.50
N GLN C 243 17.41 -8.45 4.73
CA GLN C 243 17.16 -7.43 5.74
C GLN C 243 17.86 -6.13 5.36
N LEU C 244 19.03 -6.23 4.70
CA LEU C 244 19.79 -5.08 4.24
C LEU C 244 19.11 -4.38 3.05
N LEU C 245 18.29 -5.07 2.25
CA LEU C 245 17.83 -4.49 0.99
C LEU C 245 16.35 -4.12 0.99
N GLN C 246 15.63 -4.55 2.03
CA GLN C 246 14.18 -4.72 2.08
C GLN C 246 13.42 -3.40 1.90
N GLN C 247 13.96 -2.32 2.46
CA GLN C 247 13.30 -1.01 2.49
C GLN C 247 13.64 -0.16 1.27
N HIS C 248 14.56 -0.65 0.42
CA HIS C 248 15.17 0.15 -0.64
C HIS C 248 14.70 -0.33 -2.01
N GLU C 249 14.06 0.61 -2.72
CA GLU C 249 13.37 0.25 -3.95
C GLU C 249 14.41 0.00 -5.06
N GLU C 250 15.66 0.47 -4.91
CA GLU C 250 16.68 0.41 -5.96
C GLU C 250 17.44 -0.93 -5.98
N TYR C 251 17.23 -1.76 -4.94
CA TYR C 251 17.78 -3.09 -4.83
C TYR C 251 16.70 -4.16 -5.00
N GLN C 252 15.50 -3.75 -5.41
CA GLN C 252 14.36 -4.64 -5.47
C GLN C 252 14.67 -5.91 -6.28
N GLU C 253 15.52 -5.80 -7.33
CA GLU C 253 15.77 -6.94 -8.21
C GLU C 253 16.70 -7.94 -7.52
N GLU C 254 17.77 -7.46 -6.87
CA GLU C 254 18.64 -8.34 -6.09
C GLU C 254 17.87 -8.97 -4.93
N LEU C 255 16.97 -8.17 -4.32
CA LEU C 255 16.14 -8.66 -3.23
C LEU C 255 15.25 -9.80 -3.72
N GLU C 256 14.67 -9.64 -4.92
CA GLU C 256 13.79 -10.65 -5.49
C GLU C 256 14.58 -11.96 -5.73
N PHE C 257 15.86 -11.84 -6.16
CA PHE C 257 16.71 -13.01 -6.36
C PHE C 257 16.98 -13.72 -5.04
N CYS C 258 17.32 -12.97 -3.97
CA CYS C 258 17.49 -13.53 -2.64
C CYS C 258 16.24 -14.26 -2.17
N GLU C 259 15.07 -13.63 -2.30
CA GLU C 259 13.82 -14.22 -1.89
C GLU C 259 13.51 -15.49 -2.66
N LYS C 260 13.76 -15.48 -3.97
CA LYS C 260 13.54 -16.65 -4.80
C LYS C 260 14.47 -17.78 -4.34
N LEU C 261 15.72 -17.46 -4.00
CA LEU C 261 16.66 -18.48 -3.56
C LEU C 261 16.22 -19.06 -2.22
N LEU C 262 15.75 -18.19 -1.32
CA LEU C 262 15.25 -18.65 -0.03
C LEU C 262 14.04 -19.57 -0.23
N GLN C 263 13.10 -19.15 -1.09
CA GLN C 263 11.90 -19.93 -1.34
C GLN C 263 12.30 -21.27 -1.95
N THR C 264 13.14 -21.23 -3.00
CA THR C 264 13.47 -22.42 -3.76
C THR C 264 14.29 -23.37 -2.88
N CYS C 265 15.20 -22.86 -2.03
CA CYS C 265 16.20 -23.71 -1.40
C CYS C 265 15.98 -23.92 0.10
N PHE C 266 15.31 -22.99 0.79
CA PHE C 266 15.23 -23.06 2.25
C PHE C 266 13.78 -22.87 2.74
N SER C 267 12.88 -23.77 2.32
CA SER C 267 11.46 -23.72 2.58
C SER C 267 10.86 -22.43 2.03
N ARG D 4 3.24 -12.47 22.89
CA ARG D 4 4.12 -11.72 21.96
C ARG D 4 5.42 -11.35 22.69
N GLY D 5 5.30 -10.44 23.68
CA GLY D 5 6.44 -9.88 24.42
C GLY D 5 6.99 -8.60 23.81
N GLU D 6 6.21 -7.98 22.90
CA GLU D 6 6.67 -6.89 22.04
C GLU D 6 6.34 -5.53 22.66
N VAL D 7 5.19 -5.42 23.34
CA VAL D 7 4.81 -4.19 24.02
C VAL D 7 5.79 -3.93 25.17
N GLU D 8 6.24 -5.00 25.84
CA GLU D 8 7.14 -4.86 26.96
C GLU D 8 8.53 -4.48 26.47
N GLN D 9 9.01 -5.14 25.40
CA GLN D 9 10.27 -4.77 24.81
C GLN D 9 10.23 -3.26 24.48
N MET D 10 9.14 -2.85 23.82
CA MET D 10 9.07 -1.49 23.32
C MET D 10 9.15 -0.52 24.50
N LYS D 11 8.43 -0.83 25.58
CA LYS D 11 8.36 0.04 26.74
C LYS D 11 9.69 0.05 27.49
N SER D 12 10.36 -1.11 27.56
CA SER D 12 11.67 -1.22 28.17
C SER D 12 12.72 -0.42 27.40
N CYS D 13 12.65 -0.47 26.08
CA CYS D 13 13.57 0.29 25.24
C CYS D 13 13.34 1.78 25.42
N LEU D 14 12.08 2.24 25.38
CA LEU D 14 11.78 3.65 25.61
C LEU D 14 12.27 4.10 27.00
N ARG D 15 12.24 3.20 28.01
CA ARG D 15 12.74 3.57 29.33
C ARG D 15 14.25 3.79 29.29
N VAL D 16 15.00 2.93 28.59
CA VAL D 16 16.43 3.11 28.43
C VAL D 16 16.72 4.46 27.77
N LEU D 17 16.00 4.75 26.68
CA LEU D 17 16.25 5.93 25.87
C LEU D 17 15.80 7.20 26.58
N SER D 18 14.83 7.08 27.48
CA SER D 18 14.27 8.21 28.20
C SER D 18 15.19 8.65 29.35
N GLN D 19 16.08 7.77 29.80
CA GLN D 19 17.00 8.12 30.87
C GLN D 19 17.84 9.33 30.46
N PRO D 20 18.19 10.20 31.44
CA PRO D 20 19.16 11.27 31.21
C PRO D 20 20.54 10.69 30.91
N MET D 21 21.27 11.38 30.03
CA MET D 21 22.68 11.05 29.83
C MET D 21 23.33 11.06 31.19
N PRO D 22 24.25 10.10 31.52
CA PRO D 22 24.90 10.06 32.83
C PRO D 22 25.75 11.31 33.08
N PRO D 23 25.77 11.87 34.33
CA PRO D 23 26.20 13.26 34.53
C PRO D 23 27.72 13.45 34.44
N THR D 24 28.40 13.30 35.58
CA THR D 24 29.82 12.99 35.58
C THR D 24 29.98 11.55 35.13
N ALA D 25 30.70 11.33 34.02
CA ALA D 25 30.93 9.98 33.52
C ALA D 25 32.35 9.83 32.99
N GLY D 26 33.01 8.73 33.39
CA GLY D 26 34.22 8.28 32.74
C GLY D 26 33.93 7.53 31.43
N GLU D 27 34.99 7.18 30.71
CA GLU D 27 34.91 6.67 29.34
C GLU D 27 34.13 5.35 29.30
N ALA D 28 34.37 4.48 30.29
CA ALA D 28 33.75 3.18 30.28
C ALA D 28 32.25 3.33 30.53
N GLU D 29 31.87 4.22 31.46
CA GLU D 29 30.46 4.49 31.73
C GLU D 29 29.79 5.05 30.49
N GLN D 30 30.42 6.06 29.84
CA GLN D 30 29.89 6.72 28.67
C GLN D 30 29.70 5.72 27.53
N ALA D 31 30.70 4.85 27.31
CA ALA D 31 30.69 3.88 26.23
C ALA D 31 29.61 2.81 26.46
N ALA D 32 29.49 2.31 27.70
CA ALA D 32 28.45 1.35 28.04
C ALA D 32 27.06 1.96 27.84
N ASP D 33 26.86 3.19 28.34
CA ASP D 33 25.61 3.91 28.22
C ASP D 33 25.20 4.08 26.74
N GLN D 34 26.17 4.43 25.88
CA GLN D 34 25.88 4.58 24.46
C GLN D 34 25.48 3.25 23.83
N GLN D 35 26.19 2.16 24.15
CA GLN D 35 25.86 0.83 23.62
C GLN D 35 24.44 0.41 24.00
N GLU D 36 24.04 0.66 25.25
CA GLU D 36 22.71 0.32 25.74
C GLU D 36 21.65 1.11 24.94
N ARG D 37 21.90 2.40 24.65
CA ARG D 37 20.94 3.21 23.89
C ARG D 37 20.91 2.77 22.41
N GLU D 38 22.09 2.46 21.85
CA GLU D 38 22.17 1.90 20.51
C GLU D 38 21.36 0.60 20.43
N GLY D 39 21.55 -0.30 21.41
CA GLY D 39 20.81 -1.55 21.44
C GLY D 39 19.29 -1.34 21.52
N ALA D 40 18.85 -0.36 22.33
CA ALA D 40 17.44 -0.03 22.45
C ALA D 40 16.86 0.40 21.10
N LEU D 41 17.56 1.32 20.41
CA LEU D 41 17.13 1.77 19.08
C LEU D 41 17.09 0.60 18.09
N GLU D 42 18.08 -0.30 18.13
CA GLU D 42 18.08 -1.48 17.26
C GLU D 42 16.88 -2.38 17.55
N LEU D 43 16.62 -2.69 18.82
CA LEU D 43 15.49 -3.52 19.18
C LEU D 43 14.18 -2.86 18.77
N LEU D 44 14.09 -1.53 18.92
CA LEU D 44 12.91 -0.82 18.46
C LEU D 44 12.73 -0.92 16.94
N ALA D 45 13.84 -0.86 16.19
CA ALA D 45 13.82 -0.95 14.74
C ALA D 45 13.23 -2.29 14.28
N ASP D 46 13.71 -3.40 14.88
CA ASP D 46 13.16 -4.73 14.67
C ASP D 46 11.65 -4.72 14.85
N LEU D 47 11.18 -4.21 16.01
CA LEU D 47 9.75 -4.16 16.31
C LEU D 47 9.04 -3.33 15.24
N CYS D 48 9.65 -2.22 14.83
CA CYS D 48 8.94 -1.19 14.09
C CYS D 48 8.90 -1.45 12.58
N GLU D 49 9.50 -2.57 12.10
CA GLU D 49 9.26 -3.05 10.75
C GLU D 49 7.78 -3.44 10.55
N ASN D 50 7.12 -3.88 11.62
CA ASN D 50 5.68 -4.07 11.63
C ASN D 50 4.97 -2.72 11.79
N MET D 51 3.96 -2.47 10.95
CA MET D 51 3.30 -1.16 10.88
C MET D 51 2.49 -0.86 12.16
N ASP D 52 2.04 -1.90 12.88
CA ASP D 52 1.23 -1.72 14.08
C ASP D 52 2.11 -1.36 15.27
N ASN D 53 3.25 -2.05 15.38
CA ASN D 53 4.31 -1.69 16.32
C ASN D 53 4.70 -0.24 16.11
N ALA D 54 4.94 0.12 14.85
CA ALA D 54 5.31 1.47 14.47
C ALA D 54 4.29 2.47 15.02
N ALA D 55 3.00 2.20 14.81
CA ALA D 55 1.92 3.06 15.29
C ALA D 55 1.89 3.11 16.81
N ASP D 56 2.07 1.94 17.45
CA ASP D 56 2.13 1.86 18.91
C ASP D 56 3.30 2.70 19.43
N PHE D 57 4.44 2.59 18.76
CA PHE D 57 5.61 3.41 19.09
C PHE D 57 5.28 4.90 19.13
N CYS D 58 4.55 5.38 18.11
CA CYS D 58 4.18 6.78 18.00
C CYS D 58 3.17 7.18 19.07
N GLN D 59 2.25 6.26 19.34
CA GLN D 59 1.23 6.44 20.38
C GLN D 59 1.95 6.55 21.73
N LEU D 60 3.13 5.94 21.88
CA LEU D 60 3.88 6.03 23.14
C LEU D 60 4.84 7.23 23.16
N SER D 61 4.69 8.15 22.20
CA SER D 61 5.48 9.38 22.10
C SER D 61 6.96 9.07 21.83
N GLY D 62 7.23 7.96 21.14
CA GLY D 62 8.59 7.63 20.75
C GLY D 62 9.19 8.64 19.76
N MET D 63 8.37 9.11 18.81
CA MET D 63 8.86 10.06 17.80
C MET D 63 9.20 11.39 18.45
N HIS D 64 8.48 11.75 19.53
CA HIS D 64 8.79 12.96 20.27
C HIS D 64 10.21 12.87 20.83
N LEU D 65 10.58 11.69 21.36
CA LEU D 65 11.88 11.44 21.97
C LEU D 65 13.00 11.40 20.91
N LEU D 66 12.76 10.72 19.78
CA LEU D 66 13.75 10.61 18.73
C LEU D 66 14.00 11.98 18.11
N VAL D 67 12.94 12.70 17.76
CA VAL D 67 13.11 13.98 17.09
C VAL D 67 13.73 15.00 18.05
N GLY D 68 13.18 15.07 19.26
CA GLY D 68 13.60 15.98 20.32
C GLY D 68 15.00 15.77 20.85
N ARG D 69 15.47 14.51 21.01
CA ARG D 69 16.73 14.27 21.69
C ARG D 69 17.76 13.54 20.81
N TYR D 70 17.36 12.58 19.98
CA TYR D 70 18.34 11.64 19.45
C TYR D 70 18.91 12.07 18.09
N LEU D 71 18.16 12.85 17.29
CA LEU D 71 18.71 13.37 16.04
C LEU D 71 19.87 14.34 16.28
N GLU D 72 19.92 14.97 17.47
CA GLU D 72 21.01 15.86 17.82
C GLU D 72 21.88 15.30 18.94
N ALA D 73 21.83 13.99 19.15
CA ALA D 73 22.71 13.36 20.12
C ALA D 73 24.16 13.57 19.70
N GLY D 74 25.04 13.68 20.72
CA GLY D 74 26.47 13.81 20.53
C GLY D 74 27.08 12.70 19.66
N ALA D 75 26.61 11.45 19.85
CA ALA D 75 27.22 10.29 19.22
C ALA D 75 26.55 10.01 17.87
N ALA D 76 27.37 9.85 16.83
CA ALA D 76 26.88 9.52 15.50
C ALA D 76 26.04 8.25 15.54
N GLY D 77 26.43 7.25 16.35
CA GLY D 77 25.77 5.96 16.37
C GLY D 77 24.31 6.05 16.79
N LEU D 78 24.01 7.01 17.67
CA LEU D 78 22.64 7.30 18.10
C LEU D 78 21.91 8.07 17.01
N ARG D 79 22.56 9.09 16.43
CA ARG D 79 21.90 9.90 15.42
C ARG D 79 21.43 9.04 14.25
N TRP D 80 22.29 8.12 13.76
CA TRP D 80 21.96 7.41 12.54
C TRP D 80 20.92 6.36 12.83
N ARG D 81 21.03 5.72 14.00
CA ARG D 81 20.01 4.76 14.41
C ARG D 81 18.66 5.45 14.65
N ALA D 82 18.68 6.68 15.20
CA ALA D 82 17.45 7.45 15.37
C ALA D 82 16.82 7.80 14.01
N ALA D 83 17.62 8.34 13.08
CA ALA D 83 17.14 8.66 11.74
C ALA D 83 16.55 7.41 11.07
N GLN D 84 17.27 6.28 11.15
CA GLN D 84 16.84 5.03 10.55
C GLN D 84 15.47 4.59 11.06
N LEU D 85 15.29 4.68 12.39
CA LEU D 85 14.06 4.26 13.04
C LEU D 85 12.89 5.15 12.62
N ILE D 86 13.13 6.45 12.50
CA ILE D 86 12.12 7.36 11.96
C ILE D 86 11.70 6.91 10.56
N GLY D 87 12.65 6.64 9.69
CA GLY D 87 12.35 6.16 8.35
C GLY D 87 11.58 4.83 8.35
N THR D 88 12.01 3.86 9.18
CA THR D 88 11.36 2.57 9.27
C THR D 88 9.89 2.74 9.63
N CYS D 89 9.61 3.52 10.67
CA CYS D 89 8.25 3.70 11.14
C CYS D 89 7.40 4.43 10.09
N SER D 90 7.97 5.45 9.47
CA SER D 90 7.16 6.37 8.68
C SER D 90 7.01 5.86 7.24
N GLN D 91 7.88 4.95 6.81
CA GLN D 91 8.00 4.60 5.40
C GLN D 91 6.64 4.24 4.83
N ASN D 92 5.90 3.37 5.52
CA ASN D 92 4.71 2.79 4.92
C ASN D 92 3.42 3.39 5.46
N VAL D 93 3.49 4.32 6.43
CA VAL D 93 2.28 4.78 7.12
C VAL D 93 2.12 6.30 6.99
N ALA D 94 1.08 6.73 6.26
CA ALA D 94 0.80 8.13 5.99
C ALA D 94 0.58 8.90 7.30
N ALA D 95 -0.15 8.32 8.25
CA ALA D 95 -0.43 8.97 9.52
C ALA D 95 0.86 9.29 10.29
N ILE D 96 1.86 8.39 10.22
CA ILE D 96 3.11 8.55 10.97
C ILE D 96 3.98 9.60 10.29
N GLN D 97 3.97 9.62 8.95
CA GLN D 97 4.64 10.65 8.16
C GLN D 97 4.16 12.04 8.58
N GLU D 98 2.85 12.20 8.72
CA GLU D 98 2.28 13.48 9.09
C GLU D 98 2.69 13.85 10.52
N GLN D 99 2.64 12.88 11.43
CA GLN D 99 2.99 13.11 12.82
C GLN D 99 4.44 13.58 12.91
N VAL D 100 5.34 12.87 12.20
CA VAL D 100 6.77 13.14 12.25
C VAL D 100 7.08 14.50 11.66
N LEU D 101 6.43 14.84 10.54
CA LEU D 101 6.55 16.18 9.94
C LEU D 101 6.13 17.26 10.95
N GLY D 102 5.02 17.07 11.65
CA GLY D 102 4.52 18.07 12.59
C GLY D 102 5.43 18.27 13.82
N LEU D 103 6.40 17.36 14.01
CA LEU D 103 7.33 17.38 15.13
C LEU D 103 8.63 18.06 14.74
N GLY D 104 8.70 18.63 13.52
CA GLY D 104 9.87 19.38 13.11
C GLY D 104 11.07 18.51 12.74
N ALA D 105 10.81 17.25 12.34
CA ALA D 105 11.83 16.28 11.94
C ALA D 105 12.64 16.71 10.72
N LEU D 106 11.98 17.29 9.70
CA LEU D 106 12.62 17.59 8.42
C LEU D 106 13.81 18.56 8.56
N ARG D 107 13.64 19.66 9.31
CA ARG D 107 14.73 20.63 9.49
C ARG D 107 15.94 19.96 10.13
N LYS D 108 15.71 19.08 11.12
CA LYS D 108 16.80 18.39 11.79
C LYS D 108 17.45 17.36 10.85
N LEU D 109 16.63 16.63 10.08
CA LEU D 109 17.15 15.62 9.16
C LEU D 109 17.97 16.26 8.04
N LEU D 110 17.47 17.37 7.49
CA LEU D 110 18.19 18.09 6.44
C LEU D 110 19.54 18.58 6.97
N ARG D 111 19.56 19.06 8.21
CA ARG D 111 20.80 19.51 8.82
C ARG D 111 21.77 18.33 8.91
N LEU D 112 21.30 17.14 9.32
CA LEU D 112 22.17 15.97 9.39
C LEU D 112 22.70 15.61 8.00
N LEU D 113 21.78 15.51 7.03
CA LEU D 113 22.15 15.18 5.67
C LEU D 113 23.19 16.16 5.12
N ASP D 114 23.08 17.44 5.46
CA ASP D 114 23.90 18.46 4.84
C ASP D 114 25.25 18.60 5.56
N ARG D 115 25.32 18.33 6.86
CA ARG D 115 26.43 18.83 7.65
C ARG D 115 27.18 17.74 8.41
N ASP D 116 26.60 16.55 8.55
CA ASP D 116 27.09 15.63 9.57
C ASP D 116 28.43 15.04 9.14
N ALA D 117 29.34 14.91 10.11
CA ALA D 117 30.68 14.37 9.90
C ALA D 117 30.63 12.90 9.51
N CYS D 118 29.59 12.17 9.97
CA CYS D 118 29.49 10.74 9.75
C CYS D 118 28.62 10.50 8.52
N ASP D 119 29.12 9.68 7.58
CA ASP D 119 28.43 9.38 6.34
C ASP D 119 27.17 8.53 6.54
N THR D 120 27.20 7.61 7.53
CA THR D 120 26.08 6.73 7.84
C THR D 120 24.91 7.58 8.34
N VAL D 121 25.18 8.61 9.16
CA VAL D 121 24.16 9.53 9.59
C VAL D 121 23.51 10.20 8.37
N ARG D 122 24.34 10.68 7.45
CA ARG D 122 23.82 11.34 6.26
C ARG D 122 22.89 10.41 5.48
N VAL D 123 23.33 9.17 5.29
CA VAL D 123 22.60 8.21 4.48
C VAL D 123 21.26 7.88 5.12
N LYS D 124 21.25 7.65 6.44
CA LYS D 124 20.03 7.34 7.16
C LYS D 124 19.11 8.56 7.23
N ALA D 125 19.70 9.76 7.40
CA ALA D 125 18.91 10.97 7.33
C ALA D 125 18.19 11.05 5.99
N LEU D 126 18.91 10.72 4.92
CA LEU D 126 18.36 10.82 3.56
C LEU D 126 17.24 9.79 3.44
N PHE D 127 17.47 8.61 4.01
CA PHE D 127 16.43 7.59 4.04
C PHE D 127 15.19 8.15 4.74
N ALA D 128 15.38 8.68 5.96
CA ALA D 128 14.26 9.24 6.72
C ALA D 128 13.53 10.30 5.90
N ILE D 129 14.29 11.23 5.28
CA ILE D 129 13.72 12.32 4.48
C ILE D 129 12.87 11.76 3.35
N SER D 130 13.43 10.79 2.63
CA SER D 130 12.77 10.14 1.52
C SER D 130 11.42 9.57 1.95
N CYS D 131 11.35 8.95 3.14
CA CYS D 131 10.12 8.38 3.66
C CYS D 131 9.06 9.45 3.96
N LEU D 132 9.50 10.66 4.34
CA LEU D 132 8.59 11.70 4.80
C LEU D 132 8.04 12.56 3.66
N VAL D 133 8.74 12.59 2.53
CA VAL D 133 8.61 13.65 1.55
C VAL D 133 8.02 13.12 0.24
N ARG D 134 8.16 11.82 -0.01
CA ARG D 134 7.86 11.27 -1.33
C ARG D 134 6.35 11.24 -1.56
N GLU D 135 5.58 10.72 -0.59
CA GLU D 135 4.14 10.54 -0.78
C GLU D 135 3.36 11.61 0.00
N GLN D 136 4.03 12.70 0.37
CA GLN D 136 3.47 13.72 1.24
C GLN D 136 3.63 15.10 0.60
N GLU D 137 2.51 15.69 0.16
CA GLU D 137 2.56 16.97 -0.53
C GLU D 137 3.00 18.07 0.41
N ALA D 138 2.52 18.03 1.66
CA ALA D 138 2.87 19.01 2.68
C ALA D 138 4.35 18.89 3.08
N GLY D 139 4.86 17.64 3.20
CA GLY D 139 6.25 17.38 3.54
C GLY D 139 7.20 17.88 2.45
N LEU D 140 6.81 17.68 1.19
CA LEU D 140 7.59 18.17 0.08
C LEU D 140 7.59 19.71 0.01
N LEU D 141 6.44 20.34 0.25
CA LEU D 141 6.36 21.79 0.28
C LEU D 141 7.36 22.32 1.31
N GLN D 142 7.34 21.73 2.52
CA GLN D 142 8.25 22.09 3.61
C GLN D 142 9.70 21.78 3.23
N PHE D 143 9.94 20.66 2.56
CA PHE D 143 11.26 20.34 2.06
C PHE D 143 11.81 21.48 1.20
N LEU D 144 11.01 21.91 0.20
CA LEU D 144 11.28 23.06 -0.66
C LEU D 144 11.58 24.30 0.17
N ARG D 145 10.66 24.64 1.07
CA ARG D 145 10.83 25.82 1.91
C ARG D 145 12.11 25.70 2.74
N LEU D 146 12.59 24.48 3.03
CA LEU D 146 13.78 24.29 3.86
C LEU D 146 15.06 24.19 3.00
N ASP D 147 14.93 24.41 1.69
CA ASP D 147 16.05 24.43 0.76
C ASP D 147 16.62 23.02 0.59
N GLY D 148 15.72 22.04 0.55
CA GLY D 148 16.11 20.65 0.56
C GLY D 148 16.72 20.20 -0.77
N PHE D 149 16.30 20.85 -1.87
CA PHE D 149 16.81 20.52 -3.19
C PHE D 149 18.27 20.95 -3.34
N SER D 150 18.65 22.05 -2.71
CA SER D 150 20.06 22.44 -2.62
C SER D 150 20.88 21.45 -1.77
N VAL D 151 20.29 20.95 -0.69
CA VAL D 151 20.91 19.94 0.15
C VAL D 151 21.19 18.67 -0.65
N LEU D 152 20.18 18.18 -1.38
CA LEU D 152 20.33 17.04 -2.26
C LEU D 152 21.42 17.28 -3.30
N MET D 153 21.44 18.49 -3.87
CA MET D 153 22.42 18.86 -4.89
C MET D 153 23.83 18.78 -4.27
N ARG D 154 24.06 19.36 -3.09
CA ARG D 154 25.39 19.26 -2.49
C ARG D 154 25.74 17.79 -2.20
N ALA D 155 24.75 16.95 -1.86
CA ALA D 155 24.98 15.52 -1.64
C ALA D 155 25.44 14.82 -2.93
N MET D 156 24.90 15.24 -4.07
CA MET D 156 25.27 14.72 -5.37
C MET D 156 26.65 15.25 -5.80
N GLN D 157 27.06 16.39 -5.23
CA GLN D 157 28.30 17.05 -5.61
C GLN D 157 29.49 16.53 -4.81
N GLN D 158 29.26 15.95 -3.61
CA GLN D 158 30.36 15.48 -2.76
C GLN D 158 30.79 14.07 -3.20
N GLN D 159 31.74 13.49 -2.46
CA GLN D 159 32.62 12.47 -3.00
C GLN D 159 32.06 11.05 -2.80
N VAL D 160 31.24 10.82 -1.75
CA VAL D 160 30.91 9.45 -1.35
C VAL D 160 29.80 8.93 -2.24
N GLN D 161 30.06 7.83 -2.98
CA GLN D 161 29.23 7.47 -4.13
C GLN D 161 27.85 7.03 -3.66
N LYS D 162 27.78 6.36 -2.50
CA LYS D 162 26.52 5.81 -2.04
C LYS D 162 25.49 6.94 -1.83
N LEU D 163 25.95 8.05 -1.23
CA LEU D 163 25.11 9.20 -0.97
C LEU D 163 24.76 9.91 -2.28
N LYS D 164 25.72 10.07 -3.20
CA LYS D 164 25.44 10.66 -4.50
C LYS D 164 24.33 9.92 -5.22
N VAL D 165 24.39 8.58 -5.25
CA VAL D 165 23.45 7.81 -6.04
C VAL D 165 22.06 7.92 -5.40
N LYS D 166 22.01 7.85 -4.07
CA LYS D 166 20.75 7.82 -3.34
C LYS D 166 20.06 9.20 -3.38
N SER D 167 20.84 10.26 -3.24
CA SER D 167 20.37 11.63 -3.42
C SER D 167 19.83 11.86 -4.84
N ALA D 168 20.59 11.45 -5.87
CA ALA D 168 20.18 11.65 -7.26
C ALA D 168 18.90 10.87 -7.54
N PHE D 169 18.81 9.68 -6.92
CA PHE D 169 17.65 8.81 -7.06
C PHE D 169 16.44 9.51 -6.46
N LEU D 170 16.63 10.16 -5.30
CA LEU D 170 15.52 10.84 -4.66
C LEU D 170 15.08 12.04 -5.51
N LEU D 171 16.04 12.84 -5.99
CA LEU D 171 15.68 13.99 -6.83
C LEU D 171 14.85 13.55 -8.03
N GLN D 172 15.28 12.47 -8.70
CA GLN D 172 14.63 11.97 -9.89
C GLN D 172 13.19 11.57 -9.54
N ASN D 173 13.02 10.86 -8.42
CA ASN D 173 11.72 10.37 -7.97
C ASN D 173 10.75 11.52 -7.66
N LEU D 174 11.23 12.57 -6.97
CA LEU D 174 10.43 13.74 -6.62
C LEU D 174 9.99 14.52 -7.85
N LEU D 175 10.88 14.62 -8.85
CA LEU D 175 10.53 15.27 -10.10
C LEU D 175 9.47 14.50 -10.91
N VAL D 176 9.56 13.16 -10.94
CA VAL D 176 8.52 12.34 -11.56
C VAL D 176 7.19 12.51 -10.80
N GLY D 177 7.23 12.38 -9.47
CA GLY D 177 6.02 12.36 -8.64
C GLY D 177 5.35 13.73 -8.48
N HIS D 178 6.11 14.80 -8.73
CA HIS D 178 5.67 16.15 -8.39
C HIS D 178 6.16 17.13 -9.44
N PRO D 179 5.59 17.12 -10.67
CA PRO D 179 6.04 17.99 -11.75
C PRO D 179 5.64 19.46 -11.59
N GLU D 180 4.81 19.78 -10.58
CA GLU D 180 4.43 21.17 -10.38
C GLU D 180 5.62 22.00 -9.92
N HIS D 181 6.77 21.35 -9.64
CA HIS D 181 7.90 22.06 -9.05
C HIS D 181 9.01 22.34 -10.06
N LYS D 182 8.80 22.00 -11.33
CA LYS D 182 9.82 22.15 -12.36
C LYS D 182 10.25 23.60 -12.50
N GLY D 183 9.27 24.52 -12.49
CA GLY D 183 9.49 25.96 -12.56
C GLY D 183 10.47 26.46 -11.48
N THR D 184 10.17 26.15 -10.22
CA THR D 184 11.01 26.58 -9.12
C THR D 184 12.42 26.06 -9.31
N LEU D 185 12.51 24.76 -9.63
CA LEU D 185 13.78 24.07 -9.76
C LEU D 185 14.59 24.69 -10.90
N CYS D 186 13.95 24.92 -12.05
CA CYS D 186 14.62 25.59 -13.15
C CYS D 186 15.09 26.99 -12.76
N SER D 187 14.26 27.72 -11.99
CA SER D 187 14.58 29.11 -11.68
C SER D 187 15.75 29.16 -10.69
N MET D 188 15.89 28.05 -9.95
CA MET D 188 16.97 27.86 -8.99
C MET D 188 18.26 27.45 -9.70
N GLY D 189 18.24 27.25 -11.03
CA GLY D 189 19.46 26.94 -11.76
C GLY D 189 19.85 25.47 -11.65
N MET D 190 18.85 24.60 -11.51
CA MET D 190 19.10 23.17 -11.37
C MET D 190 19.54 22.57 -12.71
N VAL D 191 19.07 23.10 -13.85
CA VAL D 191 19.51 22.53 -15.12
C VAL D 191 21.03 22.61 -15.18
N GLN D 192 21.57 23.79 -14.84
CA GLN D 192 23.01 24.06 -14.87
C GLN D 192 23.76 23.14 -13.91
N GLN D 193 23.24 23.00 -12.68
CA GLN D 193 23.90 22.24 -11.65
C GLN D 193 23.89 20.74 -11.96
N LEU D 194 22.80 20.26 -12.56
CA LEU D 194 22.68 18.88 -13.00
C LEU D 194 23.60 18.59 -14.18
N VAL D 195 23.67 19.53 -15.14
CA VAL D 195 24.50 19.35 -16.32
C VAL D 195 25.96 19.33 -15.89
N ALA D 196 26.32 20.05 -14.81
CA ALA D 196 27.70 20.01 -14.35
C ALA D 196 28.03 18.61 -13.84
N LEU D 197 27.04 17.91 -13.28
CA LEU D 197 27.24 16.56 -12.76
C LEU D 197 27.43 15.58 -13.91
N VAL D 198 26.78 15.88 -15.04
CA VAL D 198 26.88 15.07 -16.25
C VAL D 198 28.30 15.19 -16.83
N ARG D 199 29.00 16.30 -16.56
CA ARG D 199 30.34 16.52 -17.06
C ARG D 199 31.36 15.66 -16.32
N THR D 200 31.02 15.18 -15.11
CA THR D 200 31.96 14.41 -14.30
C THR D 200 32.15 13.04 -14.93
N GLU D 201 33.09 12.28 -14.35
CA GLU D 201 33.40 10.93 -14.80
C GLU D 201 32.13 10.09 -14.79
N HIS D 202 31.85 9.41 -15.91
CA HIS D 202 30.68 8.56 -15.97
C HIS D 202 30.69 7.55 -14.83
N SER D 203 29.48 7.33 -14.26
CA SER D 203 29.27 6.49 -13.10
C SER D 203 27.77 6.25 -12.97
N PRO D 204 27.32 5.37 -12.04
CA PRO D 204 25.89 5.01 -11.96
C PRO D 204 24.90 6.13 -11.57
N PHE D 205 25.35 7.14 -10.83
CA PHE D 205 24.44 8.23 -10.47
C PHE D 205 24.04 9.07 -11.69
N HIS D 206 24.81 8.99 -12.81
CA HIS D 206 24.52 9.78 -14.00
C HIS D 206 23.13 9.49 -14.55
N GLU D 207 22.69 8.23 -14.40
CA GLU D 207 21.41 7.79 -14.93
C GLU D 207 20.29 8.64 -14.31
N HIS D 208 20.39 8.86 -13.00
CA HIS D 208 19.36 9.53 -12.23
C HIS D 208 19.40 11.01 -12.51
N VAL D 209 20.62 11.56 -12.61
CA VAL D 209 20.85 12.96 -12.98
C VAL D 209 20.18 13.29 -14.33
N LEU D 210 20.41 12.44 -15.34
CA LEU D 210 19.84 12.63 -16.65
C LEU D 210 18.34 12.33 -16.65
N GLY D 211 17.89 11.40 -15.82
CA GLY D 211 16.45 11.18 -15.66
C GLY D 211 15.75 12.44 -15.11
N ALA D 212 16.42 13.12 -14.17
CA ALA D 212 15.90 14.34 -13.57
C ALA D 212 15.80 15.44 -14.62
N LEU D 213 16.89 15.63 -15.40
CA LEU D 213 16.89 16.58 -16.51
C LEU D 213 15.74 16.31 -17.46
N CYS D 214 15.52 15.03 -17.77
CA CYS D 214 14.40 14.64 -18.62
C CYS D 214 13.07 15.14 -18.11
N SER D 215 12.86 14.99 -16.79
CA SER D 215 11.62 15.48 -16.20
C SER D 215 11.49 16.99 -16.41
N LEU D 216 12.61 17.73 -16.32
CA LEU D 216 12.58 19.18 -16.31
C LEU D 216 12.29 19.76 -17.69
N VAL D 217 12.54 18.99 -18.77
CA VAL D 217 12.32 19.50 -20.12
C VAL D 217 11.00 18.97 -20.68
N THR D 218 10.43 17.96 -20.03
CA THR D 218 9.28 17.27 -20.58
C THR D 218 8.06 18.18 -20.43
N ASP D 219 7.54 18.65 -21.59
CA ASP D 219 6.41 19.58 -21.71
C ASP D 219 6.66 20.85 -20.90
N PHE D 220 7.90 21.34 -20.88
CA PHE D 220 8.24 22.43 -20.00
C PHE D 220 9.19 23.38 -20.72
N PRO D 221 8.65 24.42 -21.41
CA PRO D 221 9.47 25.31 -22.22
C PRO D 221 10.67 25.92 -21.49
N GLN D 222 10.53 26.23 -20.19
CA GLN D 222 11.62 26.87 -19.46
C GLN D 222 12.81 25.92 -19.34
N GLY D 223 12.51 24.64 -19.13
CA GLY D 223 13.55 23.63 -19.02
C GLY D 223 14.31 23.46 -20.33
N VAL D 224 13.55 23.41 -21.44
CA VAL D 224 14.11 23.34 -22.79
C VAL D 224 15.00 24.56 -23.03
N ARG D 225 14.54 25.77 -22.67
CA ARG D 225 15.28 26.99 -22.90
C ARG D 225 16.63 26.92 -22.18
N GLU D 226 16.62 26.50 -20.91
CA GLU D 226 17.81 26.43 -20.08
C GLU D 226 18.78 25.41 -20.66
N CYS D 227 18.26 24.27 -21.12
CA CYS D 227 19.07 23.22 -21.72
C CYS D 227 19.77 23.70 -22.99
N ARG D 228 19.11 24.62 -23.73
CA ARG D 228 19.58 25.14 -25.01
C ARG D 228 20.56 26.31 -24.85
N GLU D 229 20.75 26.82 -23.62
CA GLU D 229 21.63 27.96 -23.39
C GLU D 229 23.01 27.69 -23.98
N PRO D 230 23.53 28.56 -24.88
CA PRO D 230 24.83 28.33 -25.53
C PRO D 230 26.03 28.01 -24.65
N GLU D 231 26.09 28.62 -23.46
CA GLU D 231 27.23 28.43 -22.58
C GLU D 231 27.21 27.05 -21.90
N LEU D 232 26.04 26.44 -21.81
CA LEU D 232 25.91 25.19 -21.07
C LEU D 232 26.61 24.04 -21.82
N GLY D 233 26.57 24.08 -23.15
CA GLY D 233 27.27 23.08 -23.95
C GLY D 233 26.65 21.69 -23.83
N LEU D 234 25.33 21.61 -23.65
CA LEU D 234 24.69 20.35 -23.30
C LEU D 234 24.59 19.42 -24.52
N GLU D 235 24.36 19.95 -25.73
CA GLU D 235 24.23 19.08 -26.89
C GLU D 235 25.49 18.19 -27.08
N GLU D 236 26.65 18.81 -27.00
CA GLU D 236 27.94 18.14 -27.16
C GLU D 236 27.97 17.00 -26.13
N LEU D 237 27.70 17.32 -24.87
CA LEU D 237 27.71 16.36 -23.77
C LEU D 237 26.83 15.15 -24.09
N LEU D 238 25.57 15.40 -24.50
CA LEU D 238 24.62 14.33 -24.70
C LEU D 238 25.05 13.42 -25.85
N ARG D 239 25.70 13.98 -26.88
CA ARG D 239 26.01 13.24 -28.09
C ARG D 239 27.20 12.35 -27.81
N HIS D 240 28.18 12.85 -27.03
CA HIS D 240 29.29 12.05 -26.58
C HIS D 240 28.81 10.91 -25.68
N ARG D 241 27.86 11.20 -24.78
CA ARG D 241 27.33 10.20 -23.87
C ARG D 241 26.56 9.13 -24.65
N CYS D 242 25.75 9.51 -25.64
CA CYS D 242 25.06 8.54 -26.49
C CYS D 242 26.05 7.56 -27.12
N GLN D 243 27.14 8.06 -27.67
CA GLN D 243 28.09 7.22 -28.39
C GLN D 243 28.80 6.28 -27.41
N LEU D 244 29.02 6.75 -26.17
CA LEU D 244 29.64 5.96 -25.12
C LEU D 244 28.72 4.84 -24.61
N LEU D 245 27.40 4.97 -24.71
CA LEU D 245 26.50 4.04 -24.03
C LEU D 245 25.78 3.09 -24.98
N GLN D 246 25.86 3.35 -26.30
CA GLN D 246 24.82 2.93 -27.24
C GLN D 246 24.86 1.42 -27.52
N GLN D 247 26.03 0.80 -27.39
CA GLN D 247 26.22 -0.63 -27.67
C GLN D 247 26.00 -1.48 -26.40
N HIS D 248 25.78 -0.83 -25.24
CA HIS D 248 25.76 -1.51 -23.95
C HIS D 248 24.34 -1.54 -23.39
N GLU D 249 23.86 -2.77 -23.18
CA GLU D 249 22.46 -2.98 -22.86
C GLU D 249 22.20 -2.52 -21.42
N GLU D 250 23.24 -2.40 -20.56
CA GLU D 250 23.07 -2.12 -19.13
C GLU D 250 22.98 -0.62 -18.82
N TYR D 251 23.21 0.22 -19.84
CA TYR D 251 23.07 1.67 -19.76
C TYR D 251 21.88 2.15 -20.58
N GLN D 252 21.06 1.21 -21.06
CA GLN D 252 19.95 1.52 -21.95
C GLN D 252 19.07 2.64 -21.38
N GLU D 253 18.91 2.72 -20.05
CA GLU D 253 17.98 3.67 -19.45
C GLU D 253 18.58 5.07 -19.48
N GLU D 254 19.86 5.21 -19.11
CA GLU D 254 20.55 6.49 -19.20
C GLU D 254 20.62 6.94 -20.67
N LEU D 255 20.85 5.98 -21.57
CA LEU D 255 20.91 6.27 -23.00
C LEU D 255 19.57 6.83 -23.47
N GLU D 256 18.46 6.22 -23.00
CA GLU D 256 17.13 6.66 -23.39
C GLU D 256 16.89 8.09 -22.91
N PHE D 257 17.40 8.45 -21.71
CA PHE D 257 17.27 9.80 -21.18
C PHE D 257 18.04 10.80 -22.06
N CYS D 258 19.29 10.47 -22.41
CA CYS D 258 20.08 11.28 -23.33
C CYS D 258 19.36 11.50 -24.66
N GLU D 259 18.85 10.42 -25.25
CA GLU D 259 18.17 10.51 -26.53
C GLU D 259 16.92 11.36 -26.42
N LYS D 260 16.15 11.21 -25.34
CA LYS D 260 14.96 12.00 -25.12
C LYS D 260 15.34 13.48 -25.01
N LEU D 261 16.44 13.79 -24.32
CA LEU D 261 16.88 15.17 -24.19
C LEU D 261 17.30 15.73 -25.53
N LEU D 262 18.01 14.94 -26.33
CA LEU D 262 18.40 15.37 -27.66
C LEU D 262 17.16 15.63 -28.53
N GLN D 263 16.19 14.71 -28.49
CA GLN D 263 14.97 14.83 -29.27
C GLN D 263 14.23 16.09 -28.81
N THR D 264 14.02 16.21 -27.49
CA THR D 264 13.21 17.29 -26.95
C THR D 264 13.89 18.64 -27.19
N CYS D 265 15.23 18.72 -27.05
CA CYS D 265 15.89 20.00 -26.94
C CYS D 265 16.72 20.38 -28.18
N PHE D 266 17.18 19.40 -28.98
CA PHE D 266 18.12 19.69 -30.05
C PHE D 266 17.66 19.02 -31.37
N SER D 267 16.46 19.37 -31.84
CA SER D 267 15.80 18.77 -32.99
C SER D 267 15.65 17.25 -32.81
#